data_3IKL
#
_entry.id   3IKL
#
_cell.length_a   64.430
_cell.length_b   64.430
_cell.length_c   260.704
_cell.angle_alpha   90.00
_cell.angle_beta   90.00
_cell.angle_gamma   90.00
#
_symmetry.space_group_name_H-M   'P 41'
#
_entity_poly.entity_id   1
_entity_poly.type   'polypeptide(L)'
_entity_poly.pdbx_seq_one_letter_code
;MRSRVAVRACHKVCRCLLSGFGGRVDAGQPELLTERSSPKGGHVKSHAELEGNGEHPEAPGSGEGSEALLEICQRRHFLS
GSKQQLSRDSLLSGCHPGFGPLGVELRKNLAAEWWTSVVVFREQVFPVDALHHKPGPLLPGDSAFRGGLRENLLHGALEH
YVNCLDLVNKRLPYGLAQIGVCFHPVFDTKQIRNGVKSIGEKTEASLVWFTPPRTSNQWLDFWLRHRLQWWRKFAMSPSN
FSSSDCQDEEGRKGNKLYYNFPWGKELIETLWNLGDHELLHMYPGNVSKLHGRDGRKNVVPCVLSVNGDLDRGMLAYLYD
SFQLTENSFTRKKNLHRKVLKLHPCLAPIKVALDVGRGPTLELRQVCQGLFNELLENGISVWPGYLETMQSSLEQLYSKY
DEMSILFTVLVTETTLENGLIHLRSRDTTMKEMMHISKLKDFLIKYISSAKNVHHHHHH
;
_entity_poly.pdbx_strand_id   A,B
#
# COMPACT_ATOMS: atom_id res chain seq x y z
N SER A 66 -33.60 0.80 2.06
CA SER A 66 -34.00 2.00 2.85
C SER A 66 -33.56 1.85 4.30
N GLU A 67 -32.25 1.82 4.51
CA GLU A 67 -31.69 1.66 5.85
C GLU A 67 -30.79 2.83 6.29
N ALA A 68 -30.28 2.72 7.51
CA ALA A 68 -29.42 3.74 8.07
C ALA A 68 -27.95 3.31 8.10
N LEU A 69 -27.69 2.05 7.78
CA LEU A 69 -26.30 1.55 7.79
C LEU A 69 -25.32 2.59 7.24
N LEU A 70 -25.71 3.28 6.18
CA LEU A 70 -24.85 4.30 5.58
C LEU A 70 -24.55 5.43 6.54
N GLU A 71 -25.36 5.60 7.58
CA GLU A 71 -25.12 6.65 8.56
C GLU A 71 -23.99 6.15 9.46
N ILE A 72 -24.19 4.95 10.00
CA ILE A 72 -23.22 4.32 10.89
C ILE A 72 -21.83 4.40 10.28
N CYS A 73 -21.81 4.52 8.96
CA CYS A 73 -20.56 4.60 8.21
C CYS A 73 -19.93 5.98 8.36
N GLN A 74 -20.67 6.90 8.97
CA GLN A 74 -20.15 8.23 9.17
C GLN A 74 -19.85 8.37 10.65
N ARG A 75 -20.82 8.01 11.50
CA ARG A 75 -20.68 8.08 12.96
C ARG A 75 -19.45 7.36 13.50
N ARG A 76 -18.95 6.41 12.72
CA ARG A 76 -17.80 5.63 13.15
C ARG A 76 -16.65 5.78 12.15
N HIS A 77 -16.80 6.77 11.27
CA HIS A 77 -15.82 7.10 10.23
C HIS A 77 -15.35 6.06 9.20
N PHE A 78 -16.27 5.63 8.35
CA PHE A 78 -15.95 4.72 7.26
C PHE A 78 -16.06 5.65 6.04
N LEU A 79 -16.93 6.64 6.18
CA LEU A 79 -17.20 7.65 5.15
C LEU A 79 -17.08 9.07 5.72
N SER A 80 -17.01 10.06 4.84
CA SER A 80 -16.93 11.45 5.27
C SER A 80 -18.03 12.24 4.59
N GLY A 81 -18.29 13.44 5.08
CA GLY A 81 -19.30 14.27 4.45
C GLY A 81 -20.69 14.25 5.08
N SER A 82 -21.40 15.36 4.91
CA SER A 82 -22.76 15.51 5.44
C SER A 82 -23.71 14.49 4.83
N LYS A 83 -24.94 14.47 5.34
CA LYS A 83 -25.95 13.54 4.87
C LYS A 83 -26.28 13.66 3.37
N GLN A 84 -25.95 14.80 2.78
CA GLN A 84 -26.22 15.02 1.35
C GLN A 84 -25.27 14.20 0.48
N GLN A 85 -23.99 14.50 0.57
CA GLN A 85 -22.95 13.81 -0.20
C GLN A 85 -22.99 12.29 -0.08
N LEU A 86 -23.73 11.78 0.90
CA LEU A 86 -23.85 10.33 1.10
C LEU A 86 -24.84 9.74 0.10
N SER A 87 -25.09 10.50 -0.97
CA SER A 87 -26.00 10.06 -2.01
C SER A 87 -25.48 8.83 -2.71
N ARG A 88 -26.08 7.69 -2.41
CA ARG A 88 -25.75 6.42 -3.03
C ARG A 88 -25.12 6.62 -4.42
N ASP A 89 -25.60 7.61 -5.17
CA ASP A 89 -25.02 7.93 -6.48
C ASP A 89 -23.57 8.25 -6.16
N SER A 90 -23.38 9.49 -5.74
CA SER A 90 -22.08 10.05 -5.35
C SER A 90 -21.11 8.93 -4.99
N LEU A 91 -21.60 8.01 -4.16
CA LEU A 91 -20.80 6.87 -3.72
C LEU A 91 -20.53 5.96 -4.93
N LEU A 92 -21.58 5.28 -5.40
CA LEU A 92 -21.46 4.39 -6.54
C LEU A 92 -20.65 4.97 -7.69
N SER A 93 -21.10 6.12 -8.19
CA SER A 93 -20.45 6.81 -9.30
C SER A 93 -19.03 7.34 -9.08
N GLY A 94 -18.50 7.20 -7.86
CA GLY A 94 -17.15 7.64 -7.56
C GLY A 94 -16.94 9.14 -7.34
N CYS A 95 -18.03 9.85 -7.13
CA CYS A 95 -17.97 11.29 -6.93
C CYS A 95 -18.21 11.71 -5.48
N HIS A 96 -17.83 10.87 -4.52
CA HIS A 96 -18.00 11.20 -3.10
C HIS A 96 -16.71 11.86 -2.65
N PRO A 97 -16.75 12.57 -1.52
CA PRO A 97 -15.56 13.24 -1.03
C PRO A 97 -14.46 12.34 -0.47
N GLY A 98 -14.79 11.07 -0.23
CA GLY A 98 -13.76 10.18 0.28
C GLY A 98 -14.14 9.43 1.54
N PHE A 99 -13.29 8.48 1.91
CA PHE A 99 -13.54 7.67 3.09
C PHE A 99 -12.93 8.23 4.36
N GLY A 100 -13.41 7.73 5.49
CA GLY A 100 -12.89 8.12 6.79
C GLY A 100 -11.80 7.13 7.15
N PRO A 101 -10.96 7.43 8.16
CA PRO A 101 -9.87 6.52 8.55
C PRO A 101 -10.16 5.03 8.43
N LEU A 102 -11.20 4.54 9.09
CA LEU A 102 -11.51 3.12 9.01
C LEU A 102 -11.64 2.63 7.57
N GLY A 103 -12.49 3.29 6.78
CA GLY A 103 -12.71 2.90 5.39
C GLY A 103 -11.37 2.64 4.72
N VAL A 104 -10.57 3.70 4.69
CA VAL A 104 -9.24 3.65 4.14
C VAL A 104 -8.64 2.31 4.53
N GLU A 105 -8.41 2.10 5.81
CA GLU A 105 -7.87 0.84 6.31
C GLU A 105 -8.56 -0.36 5.70
N LEU A 106 -9.90 -0.35 5.70
CA LEU A 106 -10.65 -1.46 5.14
C LEU A 106 -10.24 -1.68 3.73
N ARG A 107 -9.99 -0.59 3.01
CA ARG A 107 -9.54 -0.70 1.64
C ARG A 107 -8.10 -1.15 1.54
N LYS A 108 -7.23 -0.49 2.30
CA LYS A 108 -5.81 -0.87 2.30
C LYS A 108 -5.74 -2.35 2.64
N ASN A 109 -6.50 -2.73 3.67
CA ASN A 109 -6.58 -4.11 4.13
C ASN A 109 -7.10 -4.99 3.00
N LEU A 110 -8.27 -4.62 2.46
CA LEU A 110 -8.85 -5.38 1.37
C LEU A 110 -7.83 -5.63 0.26
N ALA A 111 -7.30 -4.54 -0.30
CA ALA A 111 -6.31 -4.59 -1.39
C ALA A 111 -5.19 -5.60 -1.17
N ALA A 112 -4.40 -5.40 -0.11
CA ALA A 112 -3.31 -6.34 0.18
C ALA A 112 -3.80 -7.78 0.01
N GLU A 113 -4.99 -8.06 0.52
CA GLU A 113 -5.58 -9.39 0.45
C GLU A 113 -5.71 -9.90 -1.01
N TRP A 114 -5.83 -8.95 -1.93
CA TRP A 114 -5.95 -9.20 -3.36
C TRP A 114 -4.54 -9.38 -3.92
N TRP A 115 -3.58 -8.65 -3.35
CA TRP A 115 -2.20 -8.71 -3.79
C TRP A 115 -1.54 -10.00 -3.35
N THR A 116 -1.99 -10.48 -2.20
CA THR A 116 -1.47 -11.70 -1.66
C THR A 116 -2.24 -12.82 -2.32
N SER A 117 -3.42 -12.50 -2.84
CA SER A 117 -4.19 -13.54 -3.46
C SER A 117 -3.91 -13.72 -4.94
N VAL A 118 -3.11 -12.83 -5.54
CA VAL A 118 -2.80 -12.93 -6.97
C VAL A 118 -1.35 -12.64 -7.37
N VAL A 119 -0.62 -11.87 -6.57
CA VAL A 119 0.77 -11.54 -6.89
C VAL A 119 1.78 -12.33 -6.05
N VAL A 120 1.51 -12.41 -4.75
CA VAL A 120 2.38 -13.09 -3.81
C VAL A 120 2.65 -14.53 -4.20
N PHE A 121 1.96 -15.48 -3.57
CA PHE A 121 2.16 -16.90 -3.86
C PHE A 121 2.50 -17.04 -5.31
N ARG A 122 1.47 -17.06 -6.15
CA ARG A 122 1.74 -17.19 -7.57
C ARG A 122 2.53 -16.01 -8.10
N GLU A 123 3.85 -16.17 -8.16
CA GLU A 123 4.65 -15.11 -8.71
C GLU A 123 5.52 -15.61 -9.84
N GLN A 124 5.41 -14.84 -10.93
CA GLN A 124 6.05 -14.93 -12.23
C GLN A 124 5.04 -14.02 -12.92
N VAL A 125 4.56 -13.09 -12.09
CA VAL A 125 3.59 -12.02 -12.39
C VAL A 125 4.17 -10.88 -11.58
N PHE A 126 4.21 -9.68 -12.13
CA PHE A 126 4.81 -8.60 -11.38
C PHE A 126 4.15 -7.25 -11.36
N PRO A 127 4.49 -6.42 -10.35
CA PRO A 127 3.95 -5.07 -10.18
C PRO A 127 4.42 -4.14 -11.29
N VAL A 128 3.52 -3.31 -11.76
CA VAL A 128 3.86 -2.36 -12.81
C VAL A 128 3.46 -0.96 -12.39
N ASP A 129 4.24 0.04 -12.75
CA ASP A 129 3.90 1.42 -12.38
C ASP A 129 3.46 2.17 -13.63
N ALA A 130 2.14 2.19 -13.87
CA ALA A 130 1.59 2.89 -15.03
C ALA A 130 1.10 4.26 -14.62
N LEU A 131 1.64 5.30 -15.26
CA LEU A 131 1.27 6.68 -14.94
C LEU A 131 -0.23 6.91 -14.77
N HIS A 132 -0.56 8.12 -14.33
CA HIS A 132 -1.95 8.48 -14.13
C HIS A 132 -2.51 9.24 -15.32
N HIS A 133 -1.76 10.22 -15.83
CA HIS A 133 -2.22 11.01 -16.97
C HIS A 133 -1.59 10.49 -18.25
N LYS A 134 -1.98 11.09 -19.36
CA LYS A 134 -1.48 10.72 -20.67
C LYS A 134 -0.89 11.98 -21.35
N PRO A 135 0.43 12.02 -21.57
CA PRO A 135 1.02 13.21 -22.19
C PRO A 135 0.82 13.12 -23.70
N GLY A 136 1.48 14.01 -24.43
CA GLY A 136 1.41 14.03 -25.88
C GLY A 136 0.04 14.07 -26.55
N PRO A 137 -0.11 13.36 -27.69
CA PRO A 137 -1.36 13.29 -28.48
C PRO A 137 -2.54 12.54 -27.84
N LEU A 138 -3.69 12.57 -28.55
CA LEU A 138 -4.91 11.90 -28.13
C LEU A 138 -5.84 11.65 -29.35
N LEU A 139 -7.04 11.08 -29.16
CA LEU A 139 -7.96 10.78 -30.27
C LEU A 139 -9.13 11.76 -30.54
N PRO A 140 -9.69 11.74 -31.78
CA PRO A 140 -10.79 12.58 -32.31
C PRO A 140 -12.20 12.58 -31.65
N GLY A 141 -12.34 13.37 -30.59
CA GLY A 141 -13.61 13.46 -29.90
C GLY A 141 -13.63 12.74 -28.56
N ASP A 142 -14.38 11.63 -28.51
CA ASP A 142 -14.54 10.80 -27.31
C ASP A 142 -14.74 11.50 -25.98
N SER A 143 -15.70 10.99 -25.21
CA SER A 143 -16.07 11.52 -23.89
C SER A 143 -14.98 11.35 -22.82
N ALA A 144 -13.89 12.11 -22.95
CA ALA A 144 -12.75 12.07 -22.01
C ALA A 144 -12.35 13.49 -21.54
N PHE A 145 -11.98 13.62 -20.26
CA PHE A 145 -11.57 14.91 -19.69
C PHE A 145 -10.18 14.95 -19.03
N ARG A 146 -9.56 16.13 -19.02
CA ARG A 146 -8.24 16.36 -18.42
C ARG A 146 -7.03 15.54 -18.95
N GLY A 147 -7.28 14.32 -19.45
CA GLY A 147 -6.22 13.48 -19.99
C GLY A 147 -5.73 12.34 -19.12
N GLY A 148 -6.27 12.22 -17.90
CA GLY A 148 -5.88 11.18 -16.96
C GLY A 148 -6.42 9.79 -17.24
N ARG A 150 -5.68 8.78 -16.83
CA ARG A 150 -6.02 7.38 -17.04
C ARG A 150 -7.51 7.03 -16.95
N GLU A 151 -7.95 6.24 -17.91
CA GLU A 151 -9.32 5.79 -17.93
C GLU A 151 -9.28 4.52 -17.12
N ASN A 152 -8.44 3.61 -17.59
CA ASN A 152 -8.25 2.30 -16.97
C ASN A 152 -6.76 2.03 -16.73
N LEU A 153 -6.48 0.94 -16.02
CA LEU A 153 -5.10 0.56 -15.70
C LEU A 153 -4.43 -0.36 -16.72
N LEU A 154 -5.23 -0.84 -17.66
CA LEU A 154 -4.77 -1.77 -18.69
C LEU A 154 -3.78 -1.13 -19.65
N HIS A 155 -4.15 0.02 -20.20
CA HIS A 155 -3.30 0.72 -21.14
C HIS A 155 -1.85 0.79 -20.67
N GLY A 156 -1.64 1.37 -19.49
CA GLY A 156 -0.30 1.48 -18.96
C GLY A 156 0.36 0.12 -18.92
N ALA A 157 -0.37 -0.88 -18.47
CA ALA A 157 0.17 -2.23 -18.38
C ALA A 157 0.76 -2.65 -19.73
N LEU A 158 -0.09 -2.74 -20.75
CA LEU A 158 0.35 -3.13 -22.09
C LEU A 158 1.68 -2.54 -22.47
N GLU A 159 1.75 -1.22 -22.51
CA GLU A 159 3.00 -0.55 -22.86
C GLU A 159 4.26 -1.22 -22.31
N HIS A 160 4.19 -1.75 -21.11
CA HIS A 160 5.35 -2.38 -20.50
C HIS A 160 5.66 -3.75 -21.08
N TYR A 161 4.60 -4.50 -21.39
CA TYR A 161 4.72 -5.84 -21.92
C TYR A 161 6.01 -6.24 -22.62
N VAL A 162 6.60 -5.33 -23.41
CA VAL A 162 7.83 -5.66 -24.15
C VAL A 162 9.14 -5.73 -23.37
N ASN A 163 9.27 -4.92 -22.33
CA ASN A 163 10.51 -4.94 -21.55
C ASN A 163 10.40 -5.93 -20.41
N CYS A 164 9.29 -5.90 -19.69
CA CYS A 164 9.05 -6.81 -18.59
C CYS A 164 8.90 -8.22 -19.13
N LEU A 165 9.01 -8.32 -20.44
CA LEU A 165 8.93 -9.60 -21.14
C LEU A 165 10.29 -10.24 -20.94
N ASP A 166 11.27 -9.39 -20.67
CA ASP A 166 12.62 -9.85 -20.41
C ASP A 166 12.60 -10.48 -19.02
N LEU A 167 11.82 -9.85 -18.16
CA LEU A 167 11.63 -10.25 -16.78
C LEU A 167 11.39 -11.75 -16.58
N VAL A 168 10.84 -12.42 -17.59
CA VAL A 168 10.59 -13.86 -17.49
C VAL A 168 11.37 -14.61 -18.56
N ASN A 169 12.64 -14.21 -18.76
CA ASN A 169 13.49 -14.85 -19.76
C ASN A 169 12.70 -15.02 -21.06
N LYS A 170 11.66 -14.20 -21.19
CA LYS A 170 10.73 -14.13 -22.32
C LYS A 170 9.71 -15.30 -22.51
N ARG A 171 9.33 -15.93 -21.40
CA ARG A 171 8.38 -17.05 -21.41
C ARG A 171 6.93 -16.65 -21.14
N LEU A 172 5.97 -17.48 -21.58
CA LEU A 172 4.54 -17.23 -21.35
C LEU A 172 3.94 -18.43 -20.63
N PRO A 173 2.79 -18.26 -19.94
CA PRO A 173 2.02 -17.03 -19.79
C PRO A 173 2.69 -16.13 -18.76
N TYR A 174 2.13 -14.94 -18.53
CA TYR A 174 2.70 -13.99 -17.58
C TYR A 174 1.91 -12.67 -17.54
N GLY A 175 1.75 -12.11 -16.34
CA GLY A 175 0.99 -10.87 -16.22
C GLY A 175 1.59 -9.78 -15.34
N LEU A 176 1.15 -8.55 -15.56
CA LEU A 176 1.63 -7.43 -14.78
C LEU A 176 0.46 -6.95 -13.96
N ALA A 177 0.75 -6.61 -12.70
CA ALA A 177 -0.26 -6.16 -11.75
C ALA A 177 0.04 -4.78 -11.24
N GLN A 178 -1.00 -4.14 -10.75
CA GLN A 178 -0.92 -2.79 -10.20
C GLN A 178 -2.26 -2.58 -9.51
N ILE A 179 -2.34 -1.53 -8.71
CA ILE A 179 -3.58 -1.18 -8.03
C ILE A 179 -3.49 0.32 -7.91
N GLY A 180 -4.47 1.00 -8.48
CA GLY A 180 -4.43 2.44 -8.42
C GLY A 180 -5.78 3.07 -8.62
N VAL A 181 -5.81 4.40 -8.66
CA VAL A 181 -7.06 5.12 -8.84
C VAL A 181 -7.23 5.51 -10.30
N CYS A 182 -8.47 5.37 -10.81
CA CYS A 182 -8.79 5.70 -12.21
C CYS A 182 -9.91 6.74 -12.32
N PHE A 183 -9.97 7.46 -13.44
CA PHE A 183 -10.95 8.54 -13.62
C PHE A 183 -12.05 8.45 -14.68
N HIS A 184 -13.28 8.32 -14.20
CA HIS A 184 -14.47 8.19 -15.03
C HIS A 184 -15.39 9.40 -14.86
N PRO A 185 -15.63 10.14 -15.95
CA PRO A 185 -16.48 11.33 -15.95
C PRO A 185 -17.97 11.00 -15.86
N VAL A 186 -18.74 11.88 -15.19
CA VAL A 186 -20.18 11.69 -15.01
C VAL A 186 -20.99 12.98 -15.04
N LYS A 197 -21.14 18.33 -16.37
CA LYS A 197 -20.61 17.03 -15.94
C LYS A 197 -19.40 17.16 -15.00
N SER A 198 -19.29 16.24 -14.04
CA SER A 198 -18.15 16.24 -13.10
C SER A 198 -17.41 14.88 -13.13
N ILE A 199 -16.20 14.85 -12.55
CA ILE A 199 -15.34 13.66 -12.54
C ILE A 199 -15.66 12.61 -11.50
N GLY A 200 -15.02 11.45 -11.65
CA GLY A 200 -15.20 10.34 -10.73
C GLY A 200 -13.88 9.69 -10.40
N GLU A 201 -13.71 9.23 -9.17
CA GLU A 201 -12.47 8.58 -8.78
C GLU A 201 -12.76 7.20 -8.20
N LYS A 202 -12.19 6.17 -8.82
CA LYS A 202 -12.35 4.79 -8.36
C LYS A 202 -11.01 4.05 -8.27
N THR A 203 -10.85 3.31 -7.18
CA THR A 203 -9.63 2.54 -6.97
C THR A 203 -9.81 1.14 -7.52
N GLU A 204 -9.27 0.91 -8.72
CA GLU A 204 -9.36 -0.38 -9.38
C GLU A 204 -8.10 -1.24 -9.17
N ALA A 205 -8.27 -2.55 -9.23
CA ALA A 205 -7.20 -3.52 -9.09
C ALA A 205 -7.12 -4.32 -10.37
N SER A 206 -6.01 -4.23 -11.07
CA SER A 206 -5.85 -4.91 -12.34
C SER A 206 -4.60 -5.75 -12.53
N LEU A 207 -4.78 -6.80 -13.32
CA LEU A 207 -3.71 -7.71 -13.68
C LEU A 207 -3.91 -7.96 -15.16
N VAL A 208 -2.93 -7.62 -15.99
CA VAL A 208 -3.08 -7.85 -17.41
C VAL A 208 -2.27 -9.11 -17.78
N TRP A 209 -3.00 -10.22 -17.85
CA TRP A 209 -2.49 -11.55 -18.15
C TRP A 209 -2.26 -11.78 -19.64
N PHE A 210 -1.01 -12.01 -20.03
CA PHE A 210 -0.71 -12.29 -21.44
C PHE A 210 -0.79 -13.80 -21.61
N THR A 211 -1.30 -14.27 -22.74
CA THR A 211 -1.46 -15.72 -22.90
C THR A 211 -1.15 -16.32 -24.27
N PRO A 212 -0.88 -17.63 -24.29
CA PRO A 212 -0.59 -18.33 -25.53
C PRO A 212 -1.97 -18.72 -26.09
N PRO A 213 -2.34 -18.18 -27.26
CA PRO A 213 -3.62 -18.47 -27.88
C PRO A 213 -4.11 -19.86 -27.52
N ARG A 214 -3.19 -20.81 -27.63
CA ARG A 214 -3.48 -22.21 -27.32
C ARG A 214 -4.32 -22.33 -26.05
N THR A 215 -3.81 -21.78 -24.95
CA THR A 215 -4.50 -21.84 -23.65
C THR A 215 -5.27 -20.58 -23.26
N SER A 216 -5.70 -19.81 -24.26
CA SER A 216 -6.41 -18.55 -24.00
C SER A 216 -7.81 -18.70 -23.40
N ASN A 217 -8.62 -19.57 -24.01
CA ASN A 217 -9.96 -19.81 -23.50
C ASN A 217 -9.81 -20.48 -22.13
N GLN A 218 -8.74 -21.26 -22.00
CA GLN A 218 -8.43 -21.98 -20.76
C GLN A 218 -8.22 -21.09 -19.53
N TRP A 219 -7.30 -20.13 -19.62
CA TRP A 219 -7.02 -19.23 -18.50
C TRP A 219 -8.25 -18.40 -18.09
N LEU A 220 -9.03 -17.95 -19.08
CA LEU A 220 -10.22 -17.17 -18.78
C LEU A 220 -11.10 -18.09 -17.98
N ASP A 221 -11.36 -19.27 -18.52
CA ASP A 221 -12.16 -20.24 -17.80
C ASP A 221 -11.59 -20.25 -16.38
N PHE A 222 -10.27 -20.20 -16.27
CA PHE A 222 -9.57 -20.23 -14.97
C PHE A 222 -9.85 -19.09 -14.02
N TRP A 223 -9.14 -17.98 -14.20
CA TRP A 223 -9.31 -16.83 -13.33
C TRP A 223 -10.72 -16.68 -12.79
N LEU A 224 -11.65 -16.35 -13.68
CA LEU A 224 -13.06 -16.20 -13.34
C LEU A 224 -13.39 -17.10 -12.14
N ARG A 225 -13.38 -18.41 -12.40
CA ARG A 225 -13.64 -19.43 -11.38
C ARG A 225 -12.95 -19.02 -10.08
N HIS A 226 -11.63 -18.88 -10.17
CA HIS A 226 -10.77 -18.50 -9.07
C HIS A 226 -11.23 -17.21 -8.38
N ARG A 227 -11.17 -16.10 -9.13
CA ARG A 227 -11.58 -14.79 -8.65
C ARG A 227 -12.91 -14.80 -7.90
N LEU A 228 -13.85 -15.60 -8.36
CA LEU A 228 -15.15 -15.66 -7.71
C LEU A 228 -14.98 -16.21 -6.29
N GLN A 229 -14.45 -17.43 -6.17
CA GLN A 229 -14.25 -18.04 -4.86
C GLN A 229 -13.50 -17.12 -3.90
N TRP A 230 -12.85 -16.09 -4.45
CA TRP A 230 -12.12 -15.10 -3.66
C TRP A 230 -13.10 -14.27 -2.87
N TRP A 231 -13.87 -13.46 -3.59
CA TRP A 231 -14.83 -12.60 -2.92
C TRP A 231 -15.70 -13.38 -1.94
N ARG A 232 -16.33 -14.44 -2.41
CA ARG A 232 -17.20 -15.27 -1.58
C ARG A 232 -16.47 -15.65 -0.30
N LYS A 233 -15.14 -15.71 -0.39
CA LYS A 233 -14.30 -16.04 0.75
C LYS A 233 -14.68 -15.25 2.00
N PHE A 234 -14.60 -13.93 1.88
CA PHE A 234 -14.88 -13.04 2.99
C PHE A 234 -16.33 -12.73 3.33
N ALA A 235 -17.26 -13.26 2.56
CA ALA A 235 -18.67 -12.98 2.79
C ALA A 235 -19.31 -13.74 3.94
N MET A 236 -20.37 -13.15 4.50
CA MET A 236 -21.13 -13.76 5.59
C MET A 236 -22.39 -14.33 4.92
N SER A 237 -22.38 -14.30 3.58
CA SER A 237 -23.46 -14.78 2.73
C SER A 237 -22.93 -14.55 1.31
N PRO A 238 -21.96 -15.38 0.88
CA PRO A 238 -21.29 -15.36 -0.42
C PRO A 238 -22.17 -15.37 -1.66
N SER A 239 -23.25 -16.14 -1.61
CA SER A 239 -24.15 -16.26 -2.75
C SER A 239 -24.78 -14.95 -3.28
N ASN A 240 -24.39 -13.81 -2.74
CA ASN A 240 -24.92 -12.54 -3.25
C ASN A 240 -23.93 -12.06 -4.32
N PHE A 241 -22.81 -12.79 -4.42
CA PHE A 241 -21.78 -12.50 -5.40
C PHE A 241 -21.98 -13.49 -6.51
N SER A 242 -22.18 -13.03 -7.73
CA SER A 242 -22.36 -13.97 -8.81
C SER A 242 -21.48 -13.64 -10.03
N SER A 243 -21.40 -14.61 -10.95
CA SER A 243 -20.61 -14.44 -12.17
C SER A 243 -21.55 -14.47 -13.36
N SER A 244 -21.05 -14.03 -14.51
CA SER A 244 -21.86 -14.03 -15.72
C SER A 244 -20.93 -14.06 -16.92
N ASP A 245 -21.46 -14.52 -18.04
CA ASP A 245 -20.69 -14.61 -19.27
C ASP A 245 -21.27 -13.56 -20.16
N CYS A 246 -20.50 -13.15 -21.16
CA CYS A 246 -20.95 -12.14 -22.10
C CYS A 246 -19.97 -11.99 -23.26
N GLN A 247 -20.39 -11.26 -24.30
CA GLN A 247 -19.50 -11.10 -25.41
C GLN A 247 -19.55 -9.79 -26.19
N ASP A 248 -18.50 -9.64 -26.99
CA ASP A 248 -18.20 -8.52 -27.89
C ASP A 248 -18.26 -7.09 -27.38
N GLU A 249 -17.13 -6.68 -26.78
CA GLU A 249 -16.88 -5.34 -26.26
C GLU A 249 -15.77 -4.89 -27.23
N GLU A 250 -14.63 -5.57 -27.12
CA GLU A 250 -13.43 -5.39 -27.96
C GLU A 250 -13.13 -6.82 -28.40
N GLY A 251 -14.19 -7.62 -28.44
CA GLY A 251 -14.10 -9.01 -28.82
C GLY A 251 -15.12 -9.80 -28.03
N ARG A 252 -15.68 -10.84 -28.65
CA ARG A 252 -16.65 -11.69 -27.98
C ARG A 252 -15.95 -12.33 -26.75
N LYS A 253 -16.73 -12.99 -25.90
CA LYS A 253 -16.18 -13.69 -24.73
C LYS A 253 -15.69 -12.81 -23.60
N GLY A 254 -16.38 -12.83 -22.47
CA GLY A 254 -15.96 -12.03 -21.35
C GLY A 254 -16.79 -12.34 -20.14
N ASN A 255 -16.37 -11.89 -18.97
CA ASN A 255 -17.11 -12.15 -17.74
C ASN A 255 -17.31 -10.95 -16.83
N LYS A 256 -18.25 -11.10 -15.91
CA LYS A 256 -18.57 -10.03 -14.97
C LYS A 256 -19.01 -10.56 -13.60
N LEU A 257 -18.43 -9.98 -12.54
CA LEU A 257 -18.76 -10.37 -11.18
C LEU A 257 -19.61 -9.27 -10.61
N TYR A 258 -20.68 -9.63 -9.89
CA TYR A 258 -21.56 -8.65 -9.27
C TYR A 258 -21.85 -8.91 -7.80
N TYR A 259 -22.21 -7.85 -7.09
CA TYR A 259 -22.57 -7.92 -5.68
C TYR A 259 -24.04 -7.52 -5.63
N ASN A 260 -24.85 -8.30 -4.93
CA ASN A 260 -26.26 -7.95 -4.84
C ASN A 260 -26.48 -7.01 -3.67
N PHE A 261 -26.90 -5.79 -4.02
CA PHE A 261 -27.22 -4.76 -3.04
C PHE A 261 -28.75 -4.77 -2.93
N PRO A 262 -29.26 -4.60 -1.71
CA PRO A 262 -30.70 -4.60 -1.40
C PRO A 262 -31.58 -4.09 -2.53
N TRP A 263 -31.08 -3.14 -3.31
CA TRP A 263 -31.84 -2.59 -4.42
C TRP A 263 -31.64 -3.44 -5.69
N GLY A 264 -30.38 -3.72 -6.00
CA GLY A 264 -30.09 -4.53 -7.17
C GLY A 264 -28.61 -4.82 -7.28
N LYS A 265 -28.23 -5.67 -8.22
CA LYS A 265 -26.84 -6.01 -8.42
C LYS A 265 -26.11 -4.85 -9.11
N GLU A 266 -24.80 -4.78 -8.88
CA GLU A 266 -23.95 -3.76 -9.49
C GLU A 266 -22.62 -4.43 -9.87
N LEU A 267 -21.95 -3.90 -10.88
CA LEU A 267 -20.69 -4.49 -11.35
C LEU A 267 -19.47 -4.10 -10.51
N ILE A 268 -18.78 -5.13 -9.99
CA ILE A 268 -17.59 -4.95 -9.15
C ILE A 268 -16.28 -5.42 -9.80
N GLU A 269 -16.41 -6.07 -10.96
CA GLU A 269 -15.24 -6.54 -11.68
C GLU A 269 -15.56 -6.93 -13.11
N THR A 270 -14.56 -6.85 -13.96
CA THR A 270 -14.66 -7.15 -15.39
C THR A 270 -13.53 -8.10 -15.81
N LEU A 271 -13.83 -9.08 -16.68
CA LEU A 271 -12.82 -10.06 -17.14
C LEU A 271 -12.91 -10.32 -18.63
N TRP A 272 -12.14 -9.59 -19.43
CA TRP A 272 -12.19 -9.79 -20.87
C TRP A 272 -10.97 -10.43 -21.52
N ASN A 273 -11.23 -11.05 -22.68
CA ASN A 273 -10.19 -11.70 -23.48
C ASN A 273 -9.92 -10.80 -24.70
N LEU A 274 -9.01 -9.86 -24.52
CA LEU A 274 -8.65 -8.89 -25.55
C LEU A 274 -8.07 -9.41 -26.85
N GLY A 275 -7.76 -10.71 -26.90
CA GLY A 275 -7.17 -11.24 -28.10
C GLY A 275 -5.89 -10.45 -28.38
N ASP A 276 -5.26 -10.76 -29.50
CA ASP A 276 -4.03 -10.09 -29.89
C ASP A 276 -4.25 -8.67 -30.39
N HIS A 277 -5.49 -8.19 -30.35
CA HIS A 277 -5.78 -6.83 -30.82
C HIS A 277 -4.92 -5.74 -30.19
N GLU A 278 -5.59 -4.81 -29.54
CA GLU A 278 -4.98 -3.66 -28.87
C GLU A 278 -3.47 -3.72 -28.99
N LEU A 279 -2.89 -4.74 -28.33
CA LEU A 279 -1.45 -4.94 -28.34
C LEU A 279 -0.82 -4.64 -29.69
N LEU A 280 -1.38 -5.25 -30.73
CA LEU A 280 -0.88 -5.06 -32.08
C LEU A 280 -1.09 -3.62 -32.50
N HIS A 281 -2.17 -3.02 -32.00
CA HIS A 281 -2.44 -1.64 -32.32
C HIS A 281 -1.28 -0.85 -31.74
N MET A 282 -1.00 -1.06 -30.46
CA MET A 282 0.08 -0.35 -29.80
C MET A 282 1.42 -0.52 -30.48
N TYR A 283 1.71 -1.74 -30.90
CA TYR A 283 2.99 -2.02 -31.55
C TYR A 283 2.94 -2.36 -33.03
N PRO A 284 2.75 -1.34 -33.86
CA PRO A 284 2.73 -1.62 -35.29
C PRO A 284 4.19 -1.89 -35.67
N GLY A 285 4.43 -2.43 -36.86
CA GLY A 285 5.80 -2.69 -37.25
C GLY A 285 6.11 -4.16 -37.37
N ASN A 286 6.85 -4.69 -36.39
CA ASN A 286 7.22 -6.10 -36.41
C ASN A 286 6.28 -7.01 -35.62
N VAL A 287 6.33 -8.30 -35.91
CA VAL A 287 5.51 -9.27 -35.23
C VAL A 287 6.42 -10.08 -34.34
N SER A 288 7.71 -10.06 -34.65
CA SER A 288 8.68 -10.80 -33.88
C SER A 288 9.06 -10.07 -32.59
N LYS A 289 9.18 -8.75 -32.67
CA LYS A 289 9.54 -7.93 -31.52
C LYS A 289 8.71 -8.27 -30.31
N LEU A 290 7.71 -9.11 -30.52
CA LEU A 290 6.85 -9.52 -29.43
C LEU A 290 6.89 -11.02 -29.27
N HIS A 291 5.71 -11.61 -29.38
CA HIS A 291 5.54 -13.05 -29.23
C HIS A 291 6.65 -13.75 -28.46
N GLY A 292 6.38 -14.00 -27.18
CA GLY A 292 7.33 -14.68 -26.35
C GLY A 292 7.12 -16.17 -26.53
N ARG A 293 8.20 -16.92 -26.39
CA ARG A 293 8.15 -18.36 -26.54
C ARG A 293 7.00 -18.96 -25.74
N ASP A 294 6.40 -19.99 -26.31
CA ASP A 294 5.30 -20.72 -25.70
C ASP A 294 5.91 -22.01 -25.14
N GLY A 295 6.00 -23.03 -25.98
CA GLY A 295 6.59 -24.28 -25.54
C GLY A 295 7.62 -24.65 -26.58
N ARG A 296 8.31 -23.62 -27.06
CA ARG A 296 9.32 -23.70 -28.10
C ARG A 296 8.73 -22.93 -29.28
N LYS A 297 7.41 -22.73 -29.22
CA LYS A 297 6.68 -22.04 -30.28
C LYS A 297 6.47 -20.57 -29.99
N ASN A 298 7.18 -19.70 -30.70
CA ASN A 298 7.09 -18.25 -30.53
C ASN A 298 5.78 -17.80 -31.16
N VAL A 299 4.86 -17.32 -30.32
CA VAL A 299 3.55 -16.89 -30.78
C VAL A 299 3.11 -15.59 -30.13
N VAL A 300 2.39 -14.75 -30.88
CA VAL A 300 1.95 -13.48 -30.32
C VAL A 300 0.80 -13.66 -29.33
N PRO A 301 1.06 -13.29 -28.07
CA PRO A 301 0.13 -13.37 -26.94
C PRO A 301 -1.29 -12.87 -27.13
N CYS A 302 -2.15 -13.29 -26.20
CA CYS A 302 -3.55 -12.89 -26.18
C CYS A 302 -3.72 -12.13 -24.87
N VAL A 303 -4.05 -10.85 -24.99
CA VAL A 303 -4.21 -10.02 -23.82
C VAL A 303 -5.50 -10.30 -23.07
N LEU A 304 -5.32 -10.71 -21.82
CA LEU A 304 -6.42 -10.96 -20.96
C LEU A 304 -6.40 -9.91 -19.84
N SER A 305 -7.39 -9.02 -19.85
CA SER A 305 -7.48 -7.98 -18.82
C SER A 305 -8.53 -8.24 -17.75
N VAL A 306 -8.07 -8.34 -16.52
CA VAL A 306 -8.95 -8.57 -15.38
C VAL A 306 -8.83 -7.31 -14.56
N ASN A 307 -9.92 -6.56 -14.48
CA ASN A 307 -9.93 -5.32 -13.74
C ASN A 307 -11.11 -5.32 -12.77
N GLY A 308 -10.81 -5.29 -11.47
CA GLY A 308 -11.87 -5.28 -10.47
C GLY A 308 -11.84 -4.01 -9.64
N ASP A 309 -12.99 -3.35 -9.46
CA ASP A 309 -13.03 -2.10 -8.69
C ASP A 309 -13.08 -2.36 -7.19
N LEU A 310 -12.07 -1.83 -6.47
CA LEU A 310 -11.95 -1.98 -5.02
C LEU A 310 -12.87 -1.11 -4.16
N ASP A 311 -13.20 0.10 -4.60
CA ASP A 311 -14.07 0.94 -3.80
C ASP A 311 -15.47 0.34 -3.74
N ARG A 312 -15.97 -0.03 -4.90
CA ARG A 312 -17.31 -0.61 -4.98
C ARG A 312 -17.33 -1.96 -4.27
N GLY A 313 -16.16 -2.56 -4.13
CA GLY A 313 -16.07 -3.83 -3.43
C GLY A 313 -16.09 -3.51 -1.95
N MET A 314 -15.10 -2.75 -1.52
CA MET A 314 -14.97 -2.32 -0.15
C MET A 314 -16.38 -1.89 0.30
N LEU A 315 -17.11 -1.26 -0.62
CA LEU A 315 -18.46 -0.79 -0.35
C LEU A 315 -19.40 -1.97 -0.22
N ALA A 316 -19.23 -2.96 -1.09
CA ALA A 316 -20.08 -4.12 -1.03
C ALA A 316 -19.84 -4.86 0.26
N TYR A 317 -18.57 -5.15 0.55
CA TYR A 317 -18.24 -5.87 1.75
C TYR A 317 -18.96 -5.40 2.99
N LEU A 318 -19.28 -4.10 3.02
CA LEU A 318 -19.96 -3.50 4.16
C LEU A 318 -21.40 -3.89 4.38
N TYR A 319 -22.24 -3.80 3.35
CA TYR A 319 -23.62 -4.23 3.52
C TYR A 319 -23.60 -5.69 3.97
N ASP A 320 -22.65 -6.46 3.46
CA ASP A 320 -22.58 -7.86 3.81
C ASP A 320 -22.28 -8.05 5.28
N SER A 321 -21.89 -6.98 5.95
CA SER A 321 -21.59 -7.06 7.36
C SER A 321 -22.71 -6.40 8.16
N PHE A 322 -23.95 -6.60 7.73
CA PHE A 322 -25.08 -6.01 8.46
C PHE A 322 -26.42 -6.71 8.22
N GLN A 323 -27.41 -6.32 9.01
CA GLN A 323 -28.78 -6.87 8.91
C GLN A 323 -29.82 -5.87 8.41
N ARG A 337 -30.33 -4.33 17.95
CA ARG A 337 -28.88 -4.19 17.83
C ARG A 337 -28.47 -3.68 16.45
N LYS A 338 -27.21 -3.28 16.33
CA LYS A 338 -26.63 -2.79 15.09
C LYS A 338 -25.56 -3.80 14.69
N VAL A 339 -24.31 -3.47 15.04
CA VAL A 339 -23.12 -4.30 14.77
C VAL A 339 -22.71 -4.64 13.31
N LEU A 340 -21.42 -4.42 13.02
CA LEU A 340 -20.81 -4.66 11.71
C LEU A 340 -19.99 -5.93 11.64
N LYS A 341 -20.63 -7.05 11.35
CA LYS A 341 -19.93 -8.32 11.26
C LYS A 341 -19.01 -8.44 10.02
N LEU A 342 -17.79 -7.90 10.09
CA LEU A 342 -16.86 -7.98 8.96
C LEU A 342 -15.87 -9.12 9.13
N HIS A 343 -15.51 -9.78 8.02
CA HIS A 343 -14.55 -10.88 8.06
C HIS A 343 -13.24 -10.29 8.58
N PRO A 344 -12.72 -10.87 9.67
CA PRO A 344 -11.48 -10.49 10.37
C PRO A 344 -10.38 -9.88 9.50
N CYS A 345 -9.79 -10.70 8.63
CA CYS A 345 -8.72 -10.26 7.75
C CYS A 345 -9.06 -8.93 7.06
N LEU A 346 -10.34 -8.63 7.00
CA LEU A 346 -10.82 -7.42 6.35
C LEU A 346 -10.98 -6.21 7.28
N ALA A 347 -11.50 -6.45 8.47
CA ALA A 347 -11.73 -5.42 9.48
C ALA A 347 -10.77 -4.25 9.41
N PRO A 348 -11.29 -3.03 9.56
CA PRO A 348 -10.45 -1.84 9.53
C PRO A 348 -9.50 -1.85 10.72
N ILE A 349 -9.97 -2.43 11.82
CA ILE A 349 -9.18 -2.52 13.04
C ILE A 349 -9.63 -3.76 13.79
N LYS A 350 -8.67 -4.49 14.34
CA LYS A 350 -8.92 -5.73 15.07
C LYS A 350 -9.55 -5.64 16.46
N VAL A 351 -8.76 -5.29 17.46
CA VAL A 351 -9.27 -5.20 18.81
C VAL A 351 -9.15 -3.79 19.32
N ALA A 352 -9.89 -3.52 20.38
CA ALA A 352 -9.88 -2.22 21.00
C ALA A 352 -9.89 -2.46 22.51
N LEU A 353 -9.00 -1.80 23.25
CA LEU A 353 -8.98 -1.97 24.68
C LEU A 353 -9.20 -0.68 25.45
N ASP A 354 -9.79 -0.79 26.64
CA ASP A 354 -10.07 0.36 27.47
C ASP A 354 -9.83 0.10 28.97
N VAL A 355 -10.75 0.58 29.82
CA VAL A 355 -10.59 0.40 31.25
C VAL A 355 -11.89 0.25 32.06
N GLY A 356 -11.87 -0.61 33.07
CA GLY A 356 -13.04 -0.80 33.92
C GLY A 356 -12.67 -0.39 35.34
N ARG A 357 -13.50 -0.72 36.30
CA ARG A 357 -13.26 -0.38 37.71
C ARG A 357 -11.78 -0.38 38.09
N GLY A 358 -11.01 0.52 37.49
CA GLY A 358 -9.60 0.58 37.78
C GLY A 358 -9.15 1.99 38.06
N PRO A 359 -7.92 2.16 38.56
CA PRO A 359 -7.50 3.54 38.83
C PRO A 359 -7.22 4.27 37.53
N THR A 360 -5.95 4.39 37.20
CA THR A 360 -5.53 5.07 35.99
C THR A 360 -4.12 4.64 35.60
N LEU A 361 -3.13 5.34 36.15
CA LEU A 361 -1.72 5.10 35.85
C LEU A 361 -1.49 3.65 35.45
N GLU A 362 -1.46 2.76 36.44
CA GLU A 362 -1.21 1.33 36.20
C GLU A 362 -2.01 0.80 35.00
N LEU A 363 -3.30 1.09 34.98
CA LEU A 363 -4.15 0.66 33.88
C LEU A 363 -3.49 1.13 32.60
N ARG A 364 -3.52 2.44 32.37
CA ARG A 364 -2.88 2.99 31.17
C ARG A 364 -1.37 3.04 31.39
N GLN A 365 -0.86 1.92 31.90
CA GLN A 365 0.56 1.70 32.13
C GLN A 365 0.77 0.41 31.38
N VAL A 366 0.19 -0.66 31.91
CA VAL A 366 0.27 -1.95 31.28
C VAL A 366 -0.36 -1.78 29.90
N CYS A 367 -1.34 -0.88 29.82
CA CYS A 367 -2.02 -0.59 28.57
C CYS A 367 -1.05 -0.18 27.48
N GLN A 368 -0.29 0.88 27.74
CA GLN A 368 0.71 1.34 26.78
C GLN A 368 1.47 0.11 26.28
N GLY A 369 1.99 -0.64 27.24
CA GLY A 369 2.76 -1.83 26.92
C GLY A 369 2.06 -2.72 25.91
N LEU A 370 0.78 -2.99 26.15
CA LEU A 370 0.01 -3.84 25.24
C LEU A 370 -0.18 -3.21 23.89
N PHE A 371 -0.60 -1.95 23.89
CA PHE A 371 -0.80 -1.24 22.64
C PHE A 371 0.42 -1.54 21.79
N ASN A 372 1.59 -1.36 22.37
CA ASN A 372 2.84 -1.63 21.68
C ASN A 372 3.02 -3.10 21.39
N GLU A 373 2.67 -3.96 22.32
CA GLU A 373 2.81 -5.38 22.09
C GLU A 373 2.09 -5.80 20.80
N LEU A 374 0.86 -5.33 20.64
CA LEU A 374 0.04 -5.66 19.48
C LEU A 374 0.54 -5.17 18.13
N LEU A 375 0.61 -3.84 17.97
CA LEU A 375 1.07 -3.25 16.72
C LEU A 375 2.40 -3.89 16.39
N GLU A 376 3.22 -4.03 17.43
CA GLU A 376 4.51 -4.69 17.32
C GLU A 376 4.28 -5.89 16.43
N ASN A 377 3.44 -6.80 16.91
CA ASN A 377 3.10 -8.05 16.21
C ASN A 377 2.14 -7.87 15.02
N GLY A 378 1.94 -6.62 14.62
CA GLY A 378 1.08 -6.33 13.49
C GLY A 378 -0.38 -6.70 13.70
N ILE A 379 -1.05 -5.92 14.55
CA ILE A 379 -2.46 -6.09 14.89
C ILE A 379 -3.02 -4.68 15.04
N SER A 380 -4.14 -4.37 14.40
CA SER A 380 -4.70 -3.03 14.54
C SER A 380 -5.41 -2.86 15.89
N VAL A 381 -5.01 -1.84 16.63
CA VAL A 381 -5.60 -1.58 17.93
C VAL A 381 -6.12 -0.18 18.15
N TRP A 382 -7.32 -0.09 18.70
CA TRP A 382 -7.92 1.20 19.00
C TRP A 382 -7.57 1.52 20.47
N PRO A 383 -6.83 2.61 20.71
CA PRO A 383 -6.43 3.01 22.05
C PRO A 383 -7.52 3.62 22.88
N GLY A 384 -8.63 2.91 22.98
CA GLY A 384 -9.76 3.42 23.74
C GLY A 384 -9.38 3.93 25.12
N TYR A 385 -8.38 3.31 25.74
CA TYR A 385 -7.95 3.68 27.08
C TYR A 385 -7.54 5.15 27.25
N LEU A 386 -7.43 5.89 26.15
CA LEU A 386 -7.07 7.31 26.23
C LEU A 386 -8.33 8.16 26.34
N GLU A 387 -9.48 7.52 26.20
CA GLU A 387 -10.74 8.23 26.25
C GLU A 387 -11.08 8.69 27.66
N THR A 388 -12.17 9.43 27.73
CA THR A 388 -12.71 10.02 28.94
C THR A 388 -13.26 9.01 29.94
N MET A 389 -14.47 9.32 30.41
CA MET A 389 -15.22 8.57 31.40
C MET A 389 -15.26 7.08 31.19
N GLN A 390 -16.45 6.66 30.78
CA GLN A 390 -16.79 5.26 30.55
C GLN A 390 -17.84 5.13 29.48
N SER A 391 -18.77 6.08 29.44
CA SER A 391 -19.84 6.04 28.46
C SER A 391 -20.49 4.68 28.67
N SER A 392 -20.73 4.35 29.93
CA SER A 392 -21.32 3.06 30.31
C SER A 392 -20.40 1.94 29.86
N LEU A 393 -20.96 1.05 29.07
CA LEU A 393 -20.24 -0.06 28.52
C LEU A 393 -21.15 -0.47 27.39
N GLU A 394 -22.41 -0.16 27.58
CA GLU A 394 -23.39 -0.46 26.56
C GLU A 394 -23.12 0.53 25.45
N GLN A 395 -23.05 1.81 25.80
CA GLN A 395 -22.77 2.86 24.81
C GLN A 395 -21.50 2.44 24.05
N LEU A 396 -20.48 2.08 24.83
CA LEU A 396 -19.17 1.66 24.33
C LEU A 396 -19.26 0.42 23.44
N TYR A 397 -19.93 -0.62 23.91
CA TYR A 397 -20.07 -1.84 23.13
C TYR A 397 -20.83 -1.61 21.82
N SER A 398 -21.88 -0.78 21.87
CA SER A 398 -22.71 -0.51 20.68
C SER A 398 -22.14 0.49 19.68
N LYS A 399 -20.84 0.78 19.80
CA LYS A 399 -20.16 1.67 18.88
C LYS A 399 -19.07 0.78 18.30
N TYR A 400 -18.36 0.10 19.20
CA TYR A 400 -17.32 -0.83 18.80
C TYR A 400 -17.94 -1.85 17.84
N ASP A 401 -19.19 -2.23 18.11
CA ASP A 401 -19.87 -3.14 17.22
C ASP A 401 -20.22 -2.35 15.97
N GLU A 402 -20.59 -1.08 16.18
CA GLU A 402 -20.92 -0.20 15.06
C GLU A 402 -19.66 0.18 14.30
N MET A 403 -18.56 -0.49 14.61
CA MET A 403 -17.28 -0.22 13.95
C MET A 403 -16.65 -1.52 13.48
N SER A 404 -17.25 -2.65 13.84
CA SER A 404 -16.69 -3.94 13.47
C SER A 404 -15.30 -4.06 14.10
N ILE A 405 -15.27 -4.38 15.39
CA ILE A 405 -14.05 -4.56 16.17
C ILE A 405 -14.12 -5.97 16.72
N LEU A 406 -13.67 -6.91 15.90
CA LEU A 406 -13.68 -8.31 16.27
C LEU A 406 -13.83 -8.51 17.77
N PHE A 407 -12.92 -7.91 18.52
CA PHE A 407 -12.97 -8.06 19.96
C PHE A 407 -12.95 -6.73 20.70
N THR A 408 -13.36 -6.79 21.96
CA THR A 408 -13.35 -5.61 22.81
C THR A 408 -12.80 -6.10 24.13
N VAL A 409 -11.57 -5.73 24.47
CA VAL A 409 -10.96 -6.16 25.72
C VAL A 409 -10.93 -5.07 26.78
N LEU A 410 -11.43 -5.41 27.98
CA LEU A 410 -11.46 -4.48 29.10
C LEU A 410 -10.49 -4.80 30.23
N VAL A 411 -9.76 -3.79 30.67
CA VAL A 411 -8.79 -3.95 31.74
C VAL A 411 -9.21 -3.18 32.98
N THR A 412 -9.26 -3.88 34.11
CA THR A 412 -9.66 -3.30 35.38
C THR A 412 -8.55 -3.53 36.38
N GLU A 413 -8.52 -2.76 37.46
CA GLU A 413 -7.47 -2.89 38.47
C GLU A 413 -7.27 -4.34 38.90
N THR A 414 -8.28 -5.16 38.67
CA THR A 414 -8.21 -6.57 39.04
C THR A 414 -7.13 -7.26 38.19
N THR A 415 -6.57 -6.51 37.25
CA THR A 415 -5.55 -7.04 36.35
C THR A 415 -4.15 -6.99 36.94
N LEU A 416 -3.75 -5.80 37.36
CA LEU A 416 -2.44 -5.57 37.95
C LEU A 416 -2.07 -6.55 39.05
N GLU A 417 -3.04 -7.35 39.50
CA GLU A 417 -2.79 -8.30 40.57
C GLU A 417 -2.75 -9.76 40.09
N ASN A 418 -2.49 -9.97 38.81
CA ASN A 418 -2.46 -11.32 38.24
C ASN A 418 -2.19 -11.34 36.72
N GLY A 419 -3.21 -10.97 35.96
CA GLY A 419 -3.12 -10.95 34.51
C GLY A 419 -4.49 -11.28 33.95
N LEU A 420 -5.51 -10.93 34.71
CA LEU A 420 -6.86 -11.21 34.28
C LEU A 420 -7.58 -10.01 33.75
N ILE A 421 -7.90 -10.10 32.46
CA ILE A 421 -8.65 -9.10 31.72
C ILE A 421 -9.74 -9.93 31.05
N HIS A 422 -10.66 -9.29 30.32
CA HIS A 422 -11.70 -10.07 29.66
C HIS A 422 -12.14 -9.42 28.37
N LEU A 423 -12.32 -10.23 27.33
CA LEU A 423 -12.74 -9.70 26.04
C LEU A 423 -14.17 -10.08 25.69
N ARG A 424 -14.82 -9.22 24.91
CA ARG A 424 -16.18 -9.45 24.47
C ARG A 424 -16.19 -9.60 22.96
N SER A 425 -16.60 -10.78 22.50
CA SER A 425 -16.63 -11.05 21.07
C SER A 425 -17.69 -10.28 20.32
N ARG A 426 -17.24 -9.56 19.31
CA ARG A 426 -18.11 -8.75 18.47
C ARG A 426 -19.33 -9.59 18.14
N ASP A 427 -19.12 -10.89 17.99
CA ASP A 427 -20.20 -11.77 17.63
C ASP A 427 -20.87 -12.50 18.78
N THR A 428 -20.20 -13.49 19.34
CA THR A 428 -20.77 -14.26 20.44
C THR A 428 -21.20 -13.35 21.59
N THR A 429 -21.02 -12.04 21.40
CA THR A 429 -21.36 -11.02 22.38
C THR A 429 -20.98 -11.45 23.81
N MET A 430 -20.29 -12.58 23.92
CA MET A 430 -19.84 -13.13 25.19
C MET A 430 -18.60 -12.43 25.70
N LYS A 431 -18.29 -12.61 26.97
CA LYS A 431 -17.11 -11.98 27.56
C LYS A 431 -16.29 -12.91 28.45
N GLU A 432 -15.59 -13.87 27.85
CA GLU A 432 -14.75 -14.75 28.66
C GLU A 432 -13.72 -13.85 29.34
N MET A 433 -12.77 -14.48 30.02
CA MET A 433 -11.70 -13.77 30.66
C MET A 433 -10.50 -14.46 30.09
N MET A 434 -9.34 -13.88 30.28
CA MET A 434 -8.15 -14.48 29.73
C MET A 434 -6.95 -13.91 30.44
N HIS A 435 -5.81 -14.54 30.21
CA HIS A 435 -4.59 -14.13 30.86
C HIS A 435 -3.78 -13.23 29.93
N ILE A 436 -3.69 -11.95 30.28
CA ILE A 436 -2.96 -11.01 29.46
C ILE A 436 -1.52 -11.44 29.26
N SER A 437 -1.19 -11.73 28.01
CA SER A 437 0.14 -12.20 27.59
C SER A 437 -0.21 -13.30 26.61
N LYS A 438 -1.44 -13.80 26.79
CA LYS A 438 -2.01 -14.84 25.94
C LYS A 438 -2.92 -14.10 24.96
N LEU A 439 -3.16 -12.84 25.29
CA LEU A 439 -3.99 -12.01 24.45
C LEU A 439 -3.28 -12.04 23.12
N LYS A 440 -2.02 -11.60 23.14
CA LYS A 440 -1.19 -11.55 21.96
C LYS A 440 -1.36 -12.73 21.01
N ASP A 441 -0.87 -13.89 21.45
CA ASP A 441 -0.94 -15.10 20.65
C ASP A 441 -2.37 -15.50 20.32
N PHE A 442 -3.34 -14.95 21.06
CA PHE A 442 -4.73 -15.26 20.80
C PHE A 442 -5.19 -14.68 19.48
N LEU A 443 -5.26 -13.35 19.46
CA LEU A 443 -5.68 -12.64 18.26
C LEU A 443 -4.89 -13.14 17.06
N ILE A 444 -3.60 -13.34 17.27
CA ILE A 444 -2.71 -13.80 16.20
C ILE A 444 -3.21 -15.07 15.53
N LYS A 445 -3.73 -16.01 16.33
CA LYS A 445 -4.22 -17.27 15.79
C LYS A 445 -5.68 -17.21 15.37
N TYR A 446 -6.47 -16.37 16.03
CA TYR A 446 -7.87 -16.24 15.66
C TYR A 446 -7.90 -15.75 14.22
N ILE A 447 -6.97 -14.86 13.91
CA ILE A 447 -6.85 -14.32 12.57
C ILE A 447 -6.17 -15.39 11.72
N SER A 448 -5.01 -15.85 12.19
CA SER A 448 -4.24 -16.89 11.52
C SER A 448 -5.18 -18.04 11.12
N SER A 449 -6.20 -18.26 11.94
CA SER A 449 -7.19 -19.31 11.67
C SER A 449 -8.15 -18.82 10.58
N ALA A 450 -9.06 -17.93 10.95
CA ALA A 450 -10.03 -17.40 10.00
C ALA A 450 -9.41 -17.25 8.64
N LYS A 451 -8.13 -16.87 8.60
CA LYS A 451 -7.42 -16.69 7.34
C LYS A 451 -7.53 -17.92 6.45
N ASN A 452 -7.24 -19.10 7.02
CA ASN A 452 -7.30 -20.36 6.27
C ASN A 452 -8.72 -20.62 5.86
N VAL A 453 -9.54 -20.99 6.84
CA VAL A 453 -10.95 -21.28 6.65
C VAL A 453 -11.45 -20.57 5.41
N GLU B 67 25.26 7.44 -16.65
CA GLU B 67 26.52 6.72 -16.31
C GLU B 67 26.25 5.44 -15.51
N ALA B 68 27.33 4.73 -15.20
CA ALA B 68 27.30 3.48 -14.44
C ALA B 68 25.97 3.09 -13.81
N LEU B 69 25.84 3.34 -12.50
CA LEU B 69 24.63 2.99 -11.74
C LEU B 69 23.32 3.09 -12.51
N LEU B 70 22.98 4.29 -12.96
CA LEU B 70 21.73 4.45 -13.68
C LEU B 70 21.48 3.31 -14.68
N GLU B 71 22.32 3.19 -15.69
CA GLU B 71 22.18 2.15 -16.71
C GLU B 71 21.74 0.83 -16.06
N ILE B 72 22.33 0.51 -14.92
CA ILE B 72 22.01 -0.72 -14.19
C ILE B 72 20.54 -0.73 -13.80
N CYS B 73 20.11 0.37 -13.19
CA CYS B 73 18.74 0.50 -12.73
C CYS B 73 17.69 0.22 -13.80
N GLN B 74 18.11 0.09 -15.06
CA GLN B 74 17.16 -0.21 -16.11
C GLN B 74 17.30 -1.69 -16.40
N ARG B 75 18.54 -2.09 -16.68
CA ARG B 75 18.92 -3.47 -16.99
C ARG B 75 18.40 -4.47 -15.97
N ARG B 76 18.26 -3.99 -14.74
CA ARG B 76 17.77 -4.83 -13.65
C ARG B 76 16.35 -4.40 -13.25
N HIS B 77 15.66 -3.84 -14.23
CA HIS B 77 14.28 -3.36 -14.08
C HIS B 77 13.92 -2.64 -12.77
N PHE B 78 14.52 -1.47 -12.58
CA PHE B 78 14.22 -0.64 -11.43
C PHE B 78 13.48 0.53 -12.05
N LEU B 79 13.82 0.79 -13.31
CA LEU B 79 13.21 1.84 -14.13
C LEU B 79 12.78 1.22 -15.44
N SER B 80 11.97 1.96 -16.19
CA SER B 80 11.48 1.48 -17.48
C SER B 80 11.87 2.52 -18.54
N GLY B 81 12.53 2.08 -19.61
CA GLY B 81 12.90 3.04 -20.64
C GLY B 81 14.37 3.06 -21.00
N SER B 82 14.69 3.66 -22.15
CA SER B 82 16.05 3.76 -22.66
C SER B 82 16.94 4.77 -21.93
N LYS B 83 18.22 4.73 -22.29
CA LYS B 83 19.24 5.62 -21.72
C LYS B 83 18.90 7.09 -21.98
N GLN B 84 17.83 7.30 -22.75
CA GLN B 84 17.36 8.64 -23.09
C GLN B 84 16.42 9.16 -22.01
N GLN B 85 15.22 8.60 -21.98
CA GLN B 85 14.21 8.97 -21.01
C GLN B 85 14.81 9.13 -19.61
N LEU B 86 15.61 8.16 -19.20
CA LEU B 86 16.24 8.19 -17.89
C LEU B 86 17.49 9.04 -17.90
N SER B 87 17.45 10.12 -17.12
CA SER B 87 18.57 11.06 -17.00
C SER B 87 18.17 12.23 -16.09
N ARG B 88 18.90 12.40 -15.00
CA ARG B 88 18.66 13.49 -14.04
C ARG B 88 17.32 14.20 -14.23
N ASP B 89 17.34 15.33 -14.94
CA ASP B 89 16.13 16.11 -15.20
C ASP B 89 14.89 15.23 -15.22
N SER B 90 14.82 14.32 -16.19
CA SER B 90 13.67 13.44 -16.28
C SER B 90 13.28 12.88 -14.91
N LEU B 91 14.26 12.50 -14.11
CA LEU B 91 13.97 11.95 -12.81
C LEU B 91 13.59 13.03 -11.84
N LEU B 92 14.58 13.73 -11.32
CA LEU B 92 14.32 14.81 -10.39
C LEU B 92 12.95 15.43 -10.63
N SER B 93 12.72 15.85 -11.87
CA SER B 93 11.48 16.51 -12.26
C SER B 93 10.28 15.57 -12.43
N GLY B 94 10.22 14.53 -11.60
CA GLY B 94 9.11 13.59 -11.68
C GLY B 94 8.55 13.43 -13.08
N CYS B 95 9.43 13.21 -14.04
CA CYS B 95 8.99 13.06 -15.42
C CYS B 95 9.21 11.68 -16.01
N HIS B 96 10.29 11.01 -15.62
CA HIS B 96 10.57 9.67 -16.14
C HIS B 96 9.24 8.96 -16.33
N PRO B 97 9.17 8.03 -17.29
CA PRO B 97 7.95 7.28 -17.59
C PRO B 97 7.46 6.30 -16.51
N GLY B 98 8.36 5.87 -15.61
CA GLY B 98 7.93 4.94 -14.57
C GLY B 98 9.00 4.00 -14.03
N PHE B 99 8.57 3.04 -13.21
CA PHE B 99 9.51 2.09 -12.62
C PHE B 99 9.22 0.65 -13.00
N GLY B 100 10.24 -0.19 -12.89
CA GLY B 100 10.08 -1.61 -13.17
C GLY B 100 9.53 -2.31 -11.94
N PRO B 101 9.23 -3.61 -12.01
CA PRO B 101 8.69 -4.32 -10.84
C PRO B 101 9.60 -4.25 -9.63
N LEU B 102 10.83 -3.78 -9.82
CA LEU B 102 11.71 -3.67 -8.68
C LEU B 102 11.59 -2.26 -8.13
N GLY B 103 11.74 -1.26 -8.99
CA GLY B 103 11.63 0.12 -8.52
C GLY B 103 10.44 0.18 -7.57
N VAL B 104 9.37 -0.46 -8.01
CA VAL B 104 8.15 -0.57 -7.25
C VAL B 104 8.52 -0.96 -5.82
N GLU B 105 8.57 -2.26 -5.55
CA GLU B 105 8.88 -2.81 -4.22
C GLU B 105 9.71 -1.91 -3.30
N LEU B 106 10.86 -1.45 -3.77
CA LEU B 106 11.74 -0.60 -2.97
C LEU B 106 11.01 0.60 -2.48
N ARG B 107 10.24 1.20 -3.37
CA ARG B 107 9.42 2.37 -3.08
C ARG B 107 8.32 1.93 -2.11
N LYS B 108 7.68 0.80 -2.44
CA LYS B 108 6.59 0.21 -1.64
C LYS B 108 7.05 -0.14 -0.22
N ASN B 109 8.25 -0.68 -0.13
CA ASN B 109 8.80 -1.03 1.17
C ASN B 109 9.08 0.25 1.92
N LEU B 110 9.74 1.18 1.23
CA LEU B 110 10.08 2.47 1.81
C LEU B 110 8.81 3.13 2.31
N ALA B 111 7.69 2.81 1.65
CA ALA B 111 6.38 3.36 2.00
C ALA B 111 5.92 2.96 3.39
N ALA B 112 5.58 1.68 3.57
CA ALA B 112 5.12 1.21 4.86
C ALA B 112 6.23 1.39 5.89
N GLU B 113 7.46 1.17 5.45
CA GLU B 113 8.62 1.32 6.31
C GLU B 113 8.61 2.73 6.94
N TRP B 114 7.83 3.61 6.34
CA TRP B 114 7.67 4.99 6.80
C TRP B 114 6.49 4.97 7.76
N TRP B 115 5.33 4.67 7.20
CA TRP B 115 4.05 4.56 7.87
C TRP B 115 4.09 3.86 9.20
N THR B 116 5.00 2.90 9.33
CA THR B 116 5.16 2.15 10.57
C THR B 116 6.21 2.83 11.46
N SER B 117 6.60 4.04 11.04
CA SER B 117 7.56 4.86 11.76
C SER B 117 6.90 6.18 12.17
N VAL B 118 5.64 6.34 11.80
CA VAL B 118 4.92 7.56 12.14
C VAL B 118 3.42 7.37 12.31
N VAL B 119 2.76 6.86 11.28
CA VAL B 119 1.32 6.66 11.35
C VAL B 119 0.85 5.60 12.36
N VAL B 120 1.56 4.48 12.44
CA VAL B 120 1.18 3.40 13.33
C VAL B 120 1.09 3.80 14.77
N PHE B 121 2.21 3.68 15.47
CA PHE B 121 2.27 4.04 16.87
C PHE B 121 1.71 5.42 17.10
N ARG B 122 1.73 5.87 18.35
CA ARG B 122 1.22 7.19 18.71
C ARG B 122 -0.17 7.33 18.09
N GLU B 123 -1.03 6.33 18.24
CA GLU B 123 -2.34 6.44 17.62
C GLU B 123 -3.12 7.65 18.11
N GLN B 124 -2.97 8.70 17.31
CA GLN B 124 -3.59 10.00 17.49
C GLN B 124 -3.22 10.60 16.13
N VAL B 125 -2.75 9.72 15.25
CA VAL B 125 -2.36 10.06 13.89
C VAL B 125 -3.13 9.08 13.04
N PHE B 126 -3.98 9.57 12.16
CA PHE B 126 -4.78 8.67 11.36
C PHE B 126 -4.68 8.78 9.84
N PRO B 127 -5.04 7.71 9.15
CA PRO B 127 -4.99 7.68 7.70
C PRO B 127 -6.11 8.54 7.08
N VAL B 128 -5.77 9.31 6.06
CA VAL B 128 -6.74 10.15 5.40
C VAL B 128 -6.88 9.72 3.93
N ASP B 129 -7.84 10.32 3.21
CA ASP B 129 -8.07 9.94 1.83
C ASP B 129 -8.32 11.11 0.86
N ALA B 130 -7.48 12.15 0.94
CA ALA B 130 -7.60 13.30 0.06
C ALA B 130 -7.82 12.85 -1.37
N LEU B 131 -8.22 13.78 -2.23
CA LEU B 131 -8.46 13.44 -3.63
C LEU B 131 -7.33 13.88 -4.53
N HIS B 132 -7.58 13.85 -5.84
CA HIS B 132 -6.56 14.23 -6.81
C HIS B 132 -6.90 15.47 -7.63
N HIS B 133 -8.18 15.81 -7.73
CA HIS B 133 -8.61 17.00 -8.47
C HIS B 133 -9.60 17.79 -7.61
N LYS B 134 -9.88 19.04 -8.00
CA LYS B 134 -10.79 19.87 -7.23
C LYS B 134 -11.90 20.53 -8.07
N PRO B 135 -12.93 19.75 -8.46
CA PRO B 135 -14.02 20.33 -9.25
C PRO B 135 -14.75 21.36 -8.40
N GLY B 136 -15.56 22.21 -9.03
CA GLY B 136 -16.26 23.24 -8.27
C GLY B 136 -15.48 24.54 -8.29
N PRO B 137 -16.06 25.67 -7.81
CA PRO B 137 -15.33 26.94 -7.81
C PRO B 137 -14.15 27.06 -6.83
N LEU B 138 -13.04 27.61 -7.33
CA LEU B 138 -11.82 27.85 -6.54
C LEU B 138 -11.26 29.22 -6.99
N LEU B 139 -9.97 29.46 -6.78
CA LEU B 139 -9.36 30.74 -7.19
C LEU B 139 -8.59 30.65 -8.52
N PRO B 140 -8.78 31.64 -9.43
CA PRO B 140 -8.14 31.75 -10.77
C PRO B 140 -6.82 32.54 -10.96
N GLY B 141 -5.67 31.86 -10.89
CA GLY B 141 -4.39 32.53 -11.07
C GLY B 141 -3.21 31.63 -10.71
N ASP B 142 -1.99 32.06 -11.03
CA ASP B 142 -0.78 31.28 -10.73
C ASP B 142 -0.79 30.02 -11.61
N SER B 143 -0.01 29.01 -11.24
CA SER B 143 0.06 27.78 -12.03
C SER B 143 -0.45 26.49 -11.33
N ALA B 144 -1.15 25.68 -12.11
CA ALA B 144 -1.74 24.40 -11.70
C ALA B 144 -2.51 23.81 -12.90
N PHE B 145 -3.21 22.69 -12.69
CA PHE B 145 -3.99 22.07 -13.78
C PHE B 145 -5.36 21.55 -13.31
N ARG B 146 -6.39 22.39 -13.51
CA ARG B 146 -7.80 22.13 -13.15
C ARG B 146 -8.01 20.92 -12.20
N GLY B 147 -7.95 21.18 -10.89
CA GLY B 147 -8.11 20.09 -9.96
C GLY B 147 -6.71 19.62 -9.62
N GLY B 148 -6.21 18.61 -10.35
CA GLY B 148 -4.87 18.08 -10.12
C GLY B 148 -4.19 18.67 -8.91
N ARG B 150 -4.17 17.93 -7.82
CA ARG B 150 -3.57 18.37 -6.57
C ARG B 150 -2.07 18.59 -6.69
N GLU B 151 -1.56 19.53 -5.91
CA GLU B 151 -0.14 19.87 -5.88
C GLU B 151 0.50 19.29 -4.62
N ASN B 152 -0.35 18.94 -3.65
CA ASN B 152 0.10 18.38 -2.38
C ASN B 152 -1.03 17.60 -1.70
N LEU B 153 -0.81 17.20 -0.45
CA LEU B 153 -1.84 16.48 0.31
C LEU B 153 -2.37 17.32 1.47
N LEU B 154 -1.72 18.46 1.70
CA LEU B 154 -2.05 19.34 2.79
C LEU B 154 -3.44 19.97 2.67
N HIS B 155 -3.67 20.66 1.57
CA HIS B 155 -4.97 21.28 1.37
C HIS B 155 -6.00 20.18 1.53
N GLY B 156 -5.77 19.08 0.84
CA GLY B 156 -6.69 17.96 0.95
C GLY B 156 -6.92 17.65 2.42
N ALA B 157 -5.85 17.29 3.11
CA ALA B 157 -5.92 16.96 4.53
C ALA B 157 -6.86 17.90 5.30
N LEU B 158 -6.46 19.16 5.41
CA LEU B 158 -7.24 20.16 6.13
C LEU B 158 -8.74 19.95 6.06
N GLU B 159 -9.24 19.54 4.90
CA GLU B 159 -10.67 19.32 4.68
C GLU B 159 -11.28 18.25 5.57
N HIS B 160 -10.56 17.88 6.61
CA HIS B 160 -11.02 16.85 7.54
C HIS B 160 -10.86 17.33 8.96
N TYR B 161 -9.82 18.13 9.16
CA TYR B 161 -9.50 18.64 10.48
C TYR B 161 -10.73 18.85 11.35
N VAL B 162 -11.87 19.20 10.76
CA VAL B 162 -13.09 19.41 11.56
C VAL B 162 -13.80 18.11 11.91
N ASN B 163 -14.27 17.42 10.89
CA ASN B 163 -14.97 16.16 11.05
C ASN B 163 -14.10 15.15 11.82
N CYS B 164 -12.96 14.81 11.22
CA CYS B 164 -12.02 13.85 11.80
C CYS B 164 -11.23 14.39 12.98
N LEU B 165 -11.90 15.20 13.77
CA LEU B 165 -11.34 15.76 14.98
C LEU B 165 -12.14 15.08 16.05
N ASP B 166 -13.34 14.69 15.67
CA ASP B 166 -14.28 14.01 16.54
C ASP B 166 -13.75 12.58 16.71
N LEU B 167 -12.45 12.45 16.51
CA LEU B 167 -11.76 11.18 16.60
C LEU B 167 -10.86 11.15 17.83
N VAL B 168 -10.64 12.32 18.39
CA VAL B 168 -9.82 12.47 19.58
C VAL B 168 -10.55 13.46 20.49
N ASN B 169 -11.82 13.68 20.21
CA ASN B 169 -12.63 14.61 20.99
C ASN B 169 -11.87 15.88 21.14
N LYS B 170 -11.49 16.49 20.01
CA LYS B 170 -10.76 17.73 20.05
C LYS B 170 -9.40 17.69 20.75
N ARG B 171 -9.05 16.53 21.32
CA ARG B 171 -7.77 16.44 22.02
C ARG B 171 -6.60 16.64 21.05
N LEU B 172 -5.83 17.70 21.30
CA LEU B 172 -4.66 18.03 20.49
C LEU B 172 -3.48 17.63 21.34
N PRO B 173 -2.33 17.33 20.72
CA PRO B 173 -2.14 17.35 19.26
C PRO B 173 -2.72 16.11 18.63
N TYR B 174 -2.60 16.01 17.29
CA TYR B 174 -3.12 14.87 16.55
C TYR B 174 -2.88 15.09 15.07
N GLY B 175 -2.59 14.02 14.33
CA GLY B 175 -2.30 14.20 12.91
C GLY B 175 -2.94 13.33 11.85
N LEU B 176 -3.03 13.87 10.66
CA LEU B 176 -3.61 13.16 9.53
C LEU B 176 -2.52 12.89 8.52
N ALA B 177 -2.31 11.61 8.25
CA ALA B 177 -1.28 11.19 7.33
C ALA B 177 -1.88 10.50 6.13
N GLN B 178 -1.12 10.51 5.04
CA GLN B 178 -1.54 9.90 3.79
C GLN B 178 -0.36 9.89 2.82
N ILE B 179 -0.29 8.82 2.04
CA ILE B 179 0.73 8.71 1.03
C ILE B 179 -0.09 8.60 -0.25
N GLY B 180 0.40 9.22 -1.31
CA GLY B 180 -0.31 9.20 -2.58
C GLY B 180 0.40 10.10 -3.56
N VAL B 181 0.31 9.75 -4.83
CA VAL B 181 0.98 10.52 -5.86
C VAL B 181 0.34 11.88 -6.06
N CYS B 182 1.17 12.92 -6.06
CA CYS B 182 0.66 14.27 -6.28
C CYS B 182 1.09 14.68 -7.70
N PHE B 183 0.66 15.85 -8.17
CA PHE B 183 1.01 16.27 -9.53
C PHE B 183 1.48 17.71 -9.65
N HIS B 184 2.58 17.92 -10.38
CA HIS B 184 3.14 19.25 -10.56
C HIS B 184 3.69 19.55 -11.95
N PRO B 185 3.51 20.80 -12.41
CA PRO B 185 3.95 21.31 -13.71
C PRO B 185 5.47 21.29 -13.86
N VAL B 186 5.92 20.96 -15.07
CA VAL B 186 7.34 20.89 -15.39
C VAL B 186 7.60 21.61 -16.72
N LYS B 197 5.43 23.17 -21.41
CA LYS B 197 5.02 22.58 -20.12
C LYS B 197 4.89 21.05 -20.17
N SER B 198 4.78 20.44 -18.98
CA SER B 198 4.62 18.98 -18.81
C SER B 198 4.19 18.62 -17.37
N ILE B 199 3.79 17.38 -17.14
CA ILE B 199 3.36 16.95 -15.80
C ILE B 199 4.32 16.01 -15.05
N GLY B 200 4.69 16.42 -13.85
CA GLY B 200 5.57 15.63 -13.02
C GLY B 200 4.79 14.91 -11.94
N GLU B 201 5.02 13.61 -11.79
CA GLU B 201 4.33 12.83 -10.78
C GLU B 201 5.29 12.51 -9.65
N LYS B 202 4.78 12.58 -8.43
CA LYS B 202 5.59 12.30 -7.25
C LYS B 202 4.78 11.62 -6.15
N THR B 203 5.27 10.48 -5.70
CA THR B 203 4.61 9.81 -4.60
C THR B 203 5.07 10.64 -3.41
N GLU B 204 4.13 11.16 -2.64
CA GLU B 204 4.48 11.97 -1.47
C GLU B 204 3.96 11.38 -0.17
N ALA B 205 4.76 11.47 0.88
CA ALA B 205 4.38 10.98 2.20
C ALA B 205 4.26 12.23 3.07
N SER B 206 3.03 12.60 3.43
CA SER B 206 2.81 13.81 4.22
C SER B 206 2.03 13.63 5.50
N LEU B 207 2.56 14.21 6.58
CA LEU B 207 1.90 14.18 7.87
C LEU B 207 1.40 15.60 8.12
N VAL B 208 0.11 15.73 8.38
CA VAL B 208 -0.50 17.02 8.67
C VAL B 208 -0.81 16.95 10.15
N TRP B 209 0.05 17.59 10.93
CA TRP B 209 0.00 17.59 12.38
C TRP B 209 -0.61 18.87 12.95
N PHE B 210 -1.74 18.74 13.64
CA PHE B 210 -2.39 19.90 14.26
C PHE B 210 -1.85 20.02 15.68
N THR B 211 -1.53 21.24 16.12
CA THR B 211 -0.99 21.40 17.46
C THR B 211 -1.32 22.68 18.21
N PRO B 212 -1.38 22.58 19.54
CA PRO B 212 -1.68 23.72 20.40
C PRO B 212 -0.55 24.75 20.28
N PRO B 213 -0.91 26.03 20.13
CA PRO B 213 0.02 27.15 19.99
C PRO B 213 1.22 27.10 20.92
N ARG B 214 1.02 26.49 22.08
CA ARG B 214 2.07 26.39 23.08
C ARG B 214 3.23 25.46 22.70
N THR B 215 2.90 24.34 22.08
CA THR B 215 3.90 23.33 21.69
C THR B 215 4.36 23.38 20.23
N SER B 216 3.64 24.15 19.40
CA SER B 216 3.93 24.28 17.97
C SER B 216 5.42 24.20 17.59
N ASN B 217 6.26 24.91 18.33
CA ASN B 217 7.69 24.89 18.05
C ASN B 217 8.23 23.51 18.40
N GLN B 218 8.09 23.16 19.67
CA GLN B 218 8.56 21.90 20.23
C GLN B 218 8.27 20.69 19.35
N TRP B 219 7.15 20.73 18.64
CA TRP B 219 6.77 19.65 17.75
C TRP B 219 7.55 19.77 16.44
N LEU B 220 7.65 20.99 15.91
CA LEU B 220 8.38 21.23 14.67
C LEU B 220 9.80 20.71 14.92
N ASP B 221 10.35 21.12 16.06
CA ASP B 221 11.68 20.69 16.44
C ASP B 221 11.58 19.20 16.67
N PHE B 222 10.53 18.75 17.37
CA PHE B 222 10.35 17.33 17.61
C PHE B 222 10.59 16.55 16.32
N TRP B 223 9.67 16.71 15.37
CA TRP B 223 9.77 16.01 14.09
C TRP B 223 11.10 16.11 13.36
N LEU B 224 11.55 17.33 13.06
CA LEU B 224 12.81 17.48 12.36
C LEU B 224 13.81 16.43 12.82
N ARG B 225 14.24 16.52 14.07
CA ARG B 225 15.22 15.56 14.56
C ARG B 225 14.72 14.15 14.26
N HIS B 226 13.46 13.87 14.54
CA HIS B 226 12.94 12.55 14.26
C HIS B 226 13.13 12.27 12.77
N ARG B 227 12.23 12.82 11.94
CA ARG B 227 12.27 12.62 10.50
C ARG B 227 13.66 12.35 9.93
N LEU B 228 14.64 13.13 10.38
CA LEU B 228 16.01 12.97 9.93
C LEU B 228 16.51 11.58 10.26
N GLN B 229 16.44 11.20 11.53
CA GLN B 229 16.89 9.89 11.95
C GLN B 229 16.29 8.77 11.11
N TRP B 230 15.09 9.01 10.57
CA TRP B 230 14.41 8.03 9.75
C TRP B 230 15.26 7.71 8.54
N TRP B 231 15.70 8.75 7.85
CA TRP B 231 16.51 8.57 6.66
C TRP B 231 17.88 7.96 6.94
N ARG B 232 18.67 8.64 7.76
CA ARG B 232 20.01 8.16 8.10
C ARG B 232 20.00 6.69 8.54
N LYS B 233 18.88 6.24 9.11
CA LYS B 233 18.68 4.88 9.60
C LYS B 233 18.77 3.78 8.54
N PHE B 234 18.44 4.14 7.30
CA PHE B 234 18.48 3.18 6.22
C PHE B 234 19.70 3.32 5.36
N ALA B 235 20.29 4.50 5.42
CA ALA B 235 21.48 4.79 4.64
C ALA B 235 22.69 4.04 5.15
N MET B 236 23.62 3.81 4.24
CA MET B 236 24.87 3.13 4.55
C MET B 236 25.93 4.24 4.68
N SER B 237 25.46 5.49 4.78
CA SER B 237 26.33 6.66 4.93
C SER B 237 25.44 7.82 5.37
N PRO B 238 24.76 7.67 6.52
CA PRO B 238 23.86 8.68 7.08
C PRO B 238 24.40 10.11 7.02
N SER B 239 25.70 10.22 6.85
CA SER B 239 26.40 11.50 6.76
C SER B 239 26.31 12.14 5.37
N ASN B 240 25.23 11.85 4.65
CA ASN B 240 24.98 12.41 3.32
C ASN B 240 23.56 12.90 3.37
N PHE B 241 22.97 12.80 4.54
CA PHE B 241 21.59 13.24 4.73
C PHE B 241 21.58 14.53 5.53
N SER B 242 21.57 15.67 4.84
CA SER B 242 21.58 16.93 5.57
C SER B 242 20.19 17.54 5.83
N SER B 243 20.08 18.26 6.95
CA SER B 243 18.85 18.95 7.36
C SER B 243 19.29 20.37 7.67
N SER B 244 18.44 21.35 7.35
CA SER B 244 18.78 22.74 7.61
C SER B 244 17.57 23.57 7.99
N ASP B 245 17.76 24.50 8.94
CA ASP B 245 16.67 25.36 9.39
C ASP B 245 16.38 26.44 8.34
N CYS B 246 15.15 26.95 8.34
CA CYS B 246 14.79 28.00 7.38
C CYS B 246 13.52 28.73 7.81
N GLN B 247 13.38 30.00 7.42
CA GLN B 247 12.20 30.72 7.82
C GLN B 247 11.40 31.40 6.72
N ASP B 248 10.32 32.04 7.16
CA ASP B 248 9.38 32.76 6.32
C ASP B 248 8.52 31.82 5.49
N GLU B 249 7.35 32.32 5.12
CA GLU B 249 6.34 31.65 4.29
C GLU B 249 4.98 32.10 4.80
N GLU B 250 4.00 31.19 4.79
CA GLU B 250 2.66 31.46 5.30
C GLU B 250 2.77 31.10 6.78
N GLY B 251 4.02 31.08 7.24
CA GLY B 251 4.32 30.76 8.62
C GLY B 251 5.81 30.99 8.77
N ARG B 252 6.24 31.21 10.00
CA ARG B 252 7.65 31.41 10.24
C ARG B 252 8.19 30.02 10.58
N LYS B 253 9.47 29.80 10.28
CA LYS B 253 10.12 28.54 10.58
C LYS B 253 9.58 27.31 9.88
N GLY B 254 10.52 26.51 9.40
CA GLY B 254 10.21 25.28 8.72
C GLY B 254 11.54 24.58 8.60
N ASN B 255 11.59 23.46 7.89
CA ASN B 255 12.83 22.75 7.71
C ASN B 255 12.96 22.07 6.37
N LYS B 256 14.21 21.82 5.99
CA LYS B 256 14.47 21.17 4.73
C LYS B 256 15.50 20.07 4.87
N LEU B 257 15.21 18.95 4.22
CA LEU B 257 16.08 17.79 4.26
C LEU B 257 16.64 17.61 2.88
N TYR B 258 17.95 17.41 2.79
CA TYR B 258 18.59 17.23 1.49
C TYR B 258 19.51 16.01 1.48
N TYR B 259 19.53 15.30 0.36
CA TYR B 259 20.40 14.14 0.19
C TYR B 259 21.60 14.58 -0.63
N ASN B 260 22.72 13.96 -0.31
CA ASN B 260 23.96 14.26 -0.99
C ASN B 260 24.15 13.49 -2.28
N PHE B 261 23.41 13.88 -3.32
CA PHE B 261 23.58 13.20 -4.59
C PHE B 261 24.97 13.61 -5.08
N PRO B 262 25.39 13.10 -6.24
CA PRO B 262 26.73 13.48 -6.73
C PRO B 262 26.84 14.91 -7.25
N TRP B 263 25.76 15.45 -7.78
CA TRP B 263 25.77 16.81 -8.30
C TRP B 263 25.35 17.83 -7.24
N GLY B 264 25.69 17.59 -5.97
CA GLY B 264 25.30 18.53 -4.93
C GLY B 264 24.16 18.01 -4.06
N LYS B 265 23.23 18.90 -3.73
CA LYS B 265 22.08 18.52 -2.87
C LYS B 265 20.74 18.73 -3.57
N GLU B 266 19.76 17.95 -3.14
CA GLU B 266 18.41 18.05 -3.68
C GLU B 266 17.41 17.97 -2.51
N LEU B 267 16.26 18.64 -2.67
CA LEU B 267 15.23 18.66 -1.65
C LEU B 267 14.45 17.36 -1.68
N ILE B 268 14.22 16.77 -0.51
CA ILE B 268 13.48 15.52 -0.37
C ILE B 268 12.46 15.59 0.77
N GLU B 269 12.46 16.70 1.50
CA GLU B 269 11.55 16.83 2.63
C GLU B 269 11.28 18.27 3.03
N THR B 270 10.06 18.51 3.50
CA THR B 270 9.60 19.83 3.93
C THR B 270 8.87 19.78 5.27
N LEU B 271 9.33 20.58 6.23
CA LEU B 271 8.71 20.66 7.55
C LEU B 271 8.33 22.10 7.81
N TRP B 272 7.07 22.44 7.57
CA TRP B 272 6.63 23.81 7.78
C TRP B 272 5.57 24.05 8.83
N ASN B 273 5.88 24.94 9.77
CA ASN B 273 4.94 25.34 10.82
C ASN B 273 4.18 26.49 10.19
N LEU B 274 3.00 26.21 9.67
CA LEU B 274 2.23 27.25 9.00
C LEU B 274 1.51 28.23 9.92
N GLY B 275 0.86 27.72 10.94
CA GLY B 275 0.11 28.56 11.84
C GLY B 275 -1.32 28.40 11.40
N ASP B 276 -2.26 28.91 12.17
CA ASP B 276 -3.68 28.78 11.85
C ASP B 276 -4.10 29.43 10.53
N HIS B 277 -3.20 30.22 9.94
CA HIS B 277 -3.52 30.93 8.71
C HIS B 277 -4.40 30.21 7.66
N GLU B 278 -3.79 29.33 6.87
CA GLU B 278 -4.50 28.59 5.83
C GLU B 278 -5.80 28.03 6.40
N LEU B 279 -5.71 27.52 7.62
CA LEU B 279 -6.87 26.94 8.29
C LEU B 279 -8.07 27.88 8.29
N LEU B 280 -7.90 29.06 8.88
CA LEU B 280 -8.98 30.04 8.96
C LEU B 280 -9.52 30.43 7.60
N HIS B 281 -8.67 30.38 6.59
CA HIS B 281 -9.13 30.72 5.24
C HIS B 281 -10.01 29.55 4.81
N MET B 282 -9.60 28.35 5.23
CA MET B 282 -10.36 27.13 4.95
C MET B 282 -11.72 27.29 5.58
N TYR B 283 -11.70 27.71 6.84
CA TYR B 283 -12.92 27.90 7.63
C TYR B 283 -13.03 29.34 8.16
N PRO B 284 -13.70 30.21 7.39
CA PRO B 284 -13.92 31.61 7.73
C PRO B 284 -15.17 31.79 8.56
N GLY B 285 -15.33 32.98 9.13
CA GLY B 285 -16.49 33.27 9.94
C GLY B 285 -16.37 32.67 11.32
N ASN B 286 -17.14 31.61 11.53
CA ASN B 286 -17.20 30.88 12.80
C ASN B 286 -15.82 30.40 13.27
N VAL B 287 -15.50 30.69 14.52
CA VAL B 287 -14.18 30.36 15.08
C VAL B 287 -14.14 29.30 16.18
N SER B 288 -15.26 29.09 16.85
CA SER B 288 -15.30 28.09 17.91
C SER B 288 -15.30 26.67 17.34
N LYS B 289 -15.94 26.52 16.20
CA LYS B 289 -16.06 25.24 15.47
C LYS B 289 -14.72 24.52 15.25
N LEU B 290 -13.60 25.16 15.60
CA LEU B 290 -12.29 24.55 15.42
C LEU B 290 -11.39 24.55 16.65
N HIS B 291 -12.01 24.55 17.83
CA HIS B 291 -11.24 24.52 19.06
C HIS B 291 -10.80 23.08 19.35
N GLY B 292 -9.59 22.95 19.88
CA GLY B 292 -9.06 21.64 20.22
C GLY B 292 -8.63 21.81 21.65
N ARG B 293 -9.06 20.92 22.53
CA ARG B 293 -8.75 21.04 23.94
C ARG B 293 -7.31 20.88 24.43
N ASP B 294 -6.50 21.93 24.27
CA ASP B 294 -5.12 21.89 24.74
C ASP B 294 -5.23 21.83 26.24
N GLY B 295 -5.04 20.63 26.79
CA GLY B 295 -5.16 20.46 28.21
C GLY B 295 -6.64 20.63 28.49
N ARG B 296 -7.00 21.63 29.28
CA ARG B 296 -8.40 21.91 29.58
C ARG B 296 -8.88 23.06 28.72
N LYS B 297 -7.93 23.71 28.06
CA LYS B 297 -8.15 24.85 27.17
C LYS B 297 -8.85 24.52 25.87
N ASN B 298 -9.66 25.45 25.37
CA ASN B 298 -10.34 25.28 24.09
C ASN B 298 -9.61 26.27 23.20
N VAL B 299 -8.67 25.78 22.39
CA VAL B 299 -7.89 26.67 21.54
C VAL B 299 -7.75 26.20 20.08
N VAL B 300 -7.39 27.13 19.20
CA VAL B 300 -7.20 26.80 17.79
C VAL B 300 -5.74 26.49 17.47
N PRO B 301 -5.50 25.35 16.82
CA PRO B 301 -4.23 24.77 16.37
C PRO B 301 -3.35 25.48 15.34
N CYS B 302 -2.11 25.01 15.30
CA CYS B 302 -1.08 25.50 14.37
C CYS B 302 -0.71 24.34 13.47
N VAL B 303 -1.04 24.45 12.20
CA VAL B 303 -0.71 23.38 11.27
C VAL B 303 0.76 23.29 10.90
N LEU B 304 1.37 22.23 11.39
CA LEU B 304 2.77 21.95 11.11
C LEU B 304 2.69 20.90 9.99
N SER B 305 2.93 21.30 8.73
CA SER B 305 2.88 20.33 7.63
C SER B 305 4.24 19.76 7.28
N VAL B 306 4.29 18.44 7.18
CA VAL B 306 5.52 17.76 6.89
C VAL B 306 5.36 16.99 5.62
N ASN B 307 6.24 17.22 4.65
CA ASN B 307 6.13 16.50 3.40
C ASN B 307 7.44 16.04 2.75
N GLY B 308 7.59 14.72 2.63
CA GLY B 308 8.79 14.19 2.01
C GLY B 308 8.53 13.59 0.64
N ASP B 309 9.58 13.39 -0.13
CA ASP B 309 9.45 12.82 -1.47
C ASP B 309 9.94 11.38 -1.52
N LEU B 310 9.02 10.42 -1.47
CA LEU B 310 9.39 9.01 -1.52
C LEU B 310 10.15 8.65 -2.80
N ASP B 311 9.72 9.19 -3.95
CA ASP B 311 10.41 8.92 -5.21
C ASP B 311 11.83 9.46 -5.18
N ARG B 312 11.94 10.77 -5.02
CA ARG B 312 13.24 11.43 -4.98
C ARG B 312 14.11 10.78 -3.88
N GLY B 313 13.44 10.14 -2.94
CA GLY B 313 14.14 9.48 -1.85
C GLY B 313 14.62 8.11 -2.32
N MET B 314 13.70 7.36 -2.93
CA MET B 314 13.99 6.03 -3.44
C MET B 314 15.27 6.17 -4.25
N LEU B 315 15.40 7.30 -4.95
CA LEU B 315 16.58 7.60 -5.75
C LEU B 315 17.80 7.79 -4.87
N ALA B 316 17.59 8.32 -3.68
CA ALA B 316 18.69 8.53 -2.75
C ALA B 316 19.30 7.21 -2.32
N TYR B 317 18.50 6.43 -1.58
CA TYR B 317 18.95 5.15 -1.06
C TYR B 317 19.60 4.28 -2.13
N LEU B 318 19.05 4.34 -3.34
CA LEU B 318 19.57 3.55 -4.44
C LEU B 318 20.97 4.05 -4.76
N TYR B 319 21.17 5.35 -4.66
CA TYR B 319 22.49 5.92 -4.89
C TYR B 319 23.36 5.67 -3.66
N ASP B 320 22.82 5.87 -2.46
CA ASP B 320 23.62 5.62 -1.26
C ASP B 320 23.85 4.13 -1.09
N SER B 321 23.87 3.38 -2.19
CA SER B 321 24.12 1.95 -2.14
C SER B 321 24.80 1.47 -3.42
N PHE B 322 25.98 2.03 -3.66
CA PHE B 322 26.81 1.67 -4.81
C PHE B 322 28.27 2.11 -4.67
N GLN B 323 28.48 3.41 -4.45
CA GLN B 323 29.82 3.96 -4.28
C GLN B 323 29.97 4.53 -2.86
N HIS B 336 31.95 -7.03 -11.38
CA HIS B 336 33.18 -6.27 -11.19
C HIS B 336 32.99 -5.22 -10.08
N ARG B 337 32.72 -5.67 -8.85
CA ARG B 337 32.53 -4.78 -7.70
C ARG B 337 31.25 -3.95 -7.72
N LYS B 338 30.22 -4.43 -8.42
CA LYS B 338 28.95 -3.70 -8.51
C LYS B 338 28.11 -3.79 -7.24
N VAL B 339 27.44 -4.93 -7.06
CA VAL B 339 26.58 -5.19 -5.90
C VAL B 339 25.94 -3.97 -5.25
N LEU B 340 24.61 -3.89 -5.33
CA LEU B 340 23.90 -2.77 -4.72
C LEU B 340 23.64 -3.03 -3.27
N LYS B 341 24.63 -2.75 -2.43
CA LYS B 341 24.53 -2.97 -0.99
C LYS B 341 23.44 -2.09 -0.36
N LEU B 342 22.18 -2.37 -0.67
CA LEU B 342 21.05 -1.61 -0.14
C LEU B 342 20.61 -2.27 1.19
N HIS B 343 20.08 -1.48 2.14
CA HIS B 343 19.62 -2.02 3.42
C HIS B 343 18.42 -2.95 3.25
N PRO B 344 18.38 -4.04 4.03
CA PRO B 344 17.35 -5.11 4.09
C PRO B 344 15.82 -4.86 4.13
N CYS B 345 15.25 -4.34 5.22
CA CYS B 345 13.80 -4.12 5.28
C CYS B 345 13.38 -3.10 4.24
N LEU B 346 14.34 -2.72 3.42
CA LEU B 346 14.13 -1.76 2.36
C LEU B 346 14.27 -2.49 1.02
N ALA B 347 15.29 -3.35 0.90
CA ALA B 347 15.54 -4.12 -0.32
C ALA B 347 14.28 -4.67 -1.01
N PRO B 348 14.18 -4.48 -2.34
CA PRO B 348 13.04 -4.96 -3.12
C PRO B 348 12.87 -6.49 -3.19
N ILE B 349 13.97 -7.21 -3.20
CA ILE B 349 13.95 -8.65 -3.25
C ILE B 349 15.06 -9.00 -2.30
N LYS B 350 14.76 -9.85 -1.32
CA LYS B 350 15.72 -10.25 -0.30
C LYS B 350 16.58 -11.47 -0.64
N VAL B 351 15.92 -12.59 -0.94
CA VAL B 351 16.58 -13.84 -1.26
C VAL B 351 16.33 -14.28 -2.68
N ALA B 352 17.37 -14.79 -3.32
CA ALA B 352 17.29 -15.32 -4.69
C ALA B 352 17.31 -16.83 -4.54
N LEU B 353 17.26 -17.59 -5.63
CA LEU B 353 17.31 -19.05 -5.50
C LEU B 353 17.04 -19.88 -6.75
N ASP B 354 17.93 -20.83 -7.00
CA ASP B 354 17.82 -21.74 -8.14
C ASP B 354 18.73 -22.94 -7.88
N VAL B 355 19.30 -23.52 -8.91
CA VAL B 355 20.13 -24.72 -8.69
C VAL B 355 21.50 -24.86 -9.38
N GLY B 356 22.42 -25.57 -8.72
CA GLY B 356 23.74 -25.80 -9.26
C GLY B 356 23.91 -27.20 -9.81
N ARG B 357 24.76 -28.01 -9.20
CA ARG B 357 25.02 -29.38 -9.66
C ARG B 357 23.82 -30.34 -9.48
N GLY B 358 22.72 -30.09 -10.18
CA GLY B 358 21.57 -30.95 -10.01
C GLY B 358 20.78 -31.35 -11.25
N PRO B 359 19.66 -32.05 -11.05
CA PRO B 359 18.80 -32.49 -12.15
C PRO B 359 17.68 -31.49 -12.41
N THR B 360 16.47 -31.83 -11.92
CA THR B 360 15.29 -31.00 -12.09
C THR B 360 14.11 -31.50 -11.22
N LEU B 361 12.93 -30.93 -11.48
CA LEU B 361 11.65 -31.21 -10.80
C LEU B 361 11.65 -31.73 -9.36
N GLU B 362 12.32 -32.86 -9.12
CA GLU B 362 12.39 -33.40 -7.77
C GLU B 362 13.04 -32.32 -6.93
N LEU B 363 13.84 -31.50 -7.61
CA LEU B 363 14.53 -30.37 -7.00
C LEU B 363 13.54 -29.21 -7.06
N ARG B 364 13.13 -28.86 -8.27
CA ARG B 364 12.18 -27.77 -8.46
C ARG B 364 10.86 -28.05 -7.74
N GLN B 365 10.84 -29.11 -6.94
CA GLN B 365 9.66 -29.48 -6.15
C GLN B 365 9.96 -28.99 -4.74
N VAL B 366 11.24 -28.96 -4.39
CA VAL B 366 11.65 -28.48 -3.09
C VAL B 366 11.65 -26.97 -3.24
N CYS B 367 11.99 -26.52 -4.46
CA CYS B 367 12.02 -25.10 -4.77
C CYS B 367 10.62 -24.51 -4.81
N GLN B 368 9.64 -25.29 -4.37
CA GLN B 368 8.27 -24.82 -4.30
C GLN B 368 7.94 -24.91 -2.84
N GLY B 369 8.71 -25.73 -2.14
CA GLY B 369 8.50 -25.89 -0.71
C GLY B 369 9.06 -24.70 0.05
N LEU B 370 10.06 -24.05 -0.54
CA LEU B 370 10.67 -22.87 0.06
C LEU B 370 9.90 -21.69 -0.41
N PHE B 371 9.89 -21.50 -1.73
CA PHE B 371 9.19 -20.38 -2.31
C PHE B 371 7.87 -20.21 -1.58
N ASN B 372 6.99 -21.20 -1.68
CA ASN B 372 5.69 -21.10 -1.02
C ASN B 372 5.83 -20.82 0.47
N GLU B 373 6.89 -21.31 1.08
CA GLU B 373 7.06 -21.04 2.49
C GLU B 373 7.30 -19.55 2.71
N LEU B 374 8.51 -19.10 2.41
CA LEU B 374 8.93 -17.72 2.57
C LEU B 374 7.90 -16.64 2.26
N LEU B 375 7.24 -16.77 1.12
CA LEU B 375 6.24 -15.79 0.77
C LEU B 375 5.24 -15.84 1.91
N GLU B 376 4.87 -17.05 2.32
CA GLU B 376 3.93 -17.23 3.43
C GLU B 376 4.46 -16.57 4.67
N ASN B 377 5.75 -16.25 4.68
CA ASN B 377 6.38 -15.62 5.83
C ASN B 377 6.75 -14.15 5.58
N GLY B 378 6.26 -13.60 4.48
CA GLY B 378 6.54 -12.20 4.17
C GLY B 378 7.97 -11.95 3.76
N ILE B 379 8.44 -12.74 2.81
CA ILE B 379 9.81 -12.64 2.35
C ILE B 379 9.88 -12.62 0.81
N SER B 380 10.47 -11.56 0.26
CA SER B 380 10.60 -11.43 -1.19
C SER B 380 11.62 -12.42 -1.76
N VAL B 381 11.15 -13.27 -2.67
CA VAL B 381 12.00 -14.28 -3.29
C VAL B 381 11.95 -14.27 -4.80
N TRP B 382 13.10 -14.10 -5.44
CA TRP B 382 13.15 -14.13 -6.91
C TRP B 382 13.23 -15.61 -7.34
N PRO B 383 12.17 -16.13 -7.98
CA PRO B 383 12.11 -17.52 -8.42
C PRO B 383 13.14 -17.93 -9.47
N GLY B 384 14.40 -17.97 -9.04
CA GLY B 384 15.46 -18.35 -9.93
C GLY B 384 15.20 -19.66 -10.64
N TYR B 385 15.22 -20.75 -9.88
CA TYR B 385 14.99 -22.09 -10.43
C TYR B 385 14.24 -22.20 -11.76
N LEU B 386 13.38 -21.24 -12.07
CA LEU B 386 12.64 -21.29 -13.33
C LEU B 386 13.62 -21.07 -14.46
N GLU B 387 14.70 -20.35 -14.19
CA GLU B 387 15.72 -20.07 -15.21
C GLU B 387 16.07 -21.32 -16.01
N THR B 388 16.68 -21.07 -17.15
CA THR B 388 17.06 -22.11 -18.06
C THR B 388 18.57 -22.31 -18.14
N MET B 389 19.10 -22.07 -19.35
CA MET B 389 20.52 -22.21 -19.66
C MET B 389 21.32 -21.82 -18.42
N GLN B 390 21.66 -22.83 -17.63
CA GLN B 390 22.42 -22.64 -16.40
C GLN B 390 23.26 -21.37 -16.52
N SER B 391 23.90 -21.24 -17.68
CA SER B 391 24.73 -20.10 -18.01
C SER B 391 25.37 -19.39 -16.80
N SER B 392 26.63 -19.75 -16.57
CA SER B 392 27.51 -19.27 -15.52
C SER B 392 27.01 -19.22 -14.11
N LEU B 393 27.89 -19.61 -13.20
CA LEU B 393 27.57 -19.60 -11.79
C LEU B 393 27.82 -18.17 -11.36
N GLU B 394 28.82 -17.55 -11.98
CA GLU B 394 29.17 -16.16 -11.66
C GLU B 394 28.17 -15.15 -12.21
N GLN B 395 27.72 -15.37 -13.45
CA GLN B 395 26.76 -14.50 -14.11
C GLN B 395 25.59 -14.14 -13.21
N LEU B 396 25.18 -15.07 -12.35
CA LEU B 396 24.08 -14.83 -11.43
C LEU B 396 24.50 -13.87 -10.32
N TYR B 397 25.58 -14.22 -9.64
CA TYR B 397 26.07 -13.38 -8.55
C TYR B 397 26.26 -11.92 -8.97
N SER B 398 26.77 -11.68 -10.18
CA SER B 398 26.97 -10.31 -10.63
C SER B 398 25.64 -9.70 -11.02
N LYS B 399 24.64 -10.55 -11.24
CA LYS B 399 23.30 -10.10 -11.59
C LYS B 399 22.57 -9.86 -10.28
N TYR B 400 22.50 -10.88 -9.45
CA TYR B 400 21.84 -10.75 -8.17
C TYR B 400 22.40 -9.58 -7.35
N ASP B 401 23.68 -9.30 -7.54
CA ASP B 401 24.33 -8.18 -6.86
C ASP B 401 23.88 -6.93 -7.60
N GLU B 402 23.71 -7.08 -8.91
CA GLU B 402 23.25 -5.97 -9.75
C GLU B 402 21.78 -5.69 -9.49
N MET B 403 21.16 -6.55 -8.68
CA MET B 403 19.75 -6.44 -8.31
C MET B 403 19.60 -6.05 -6.86
N SER B 404 20.59 -6.47 -6.08
CA SER B 404 20.64 -6.23 -4.63
C SER B 404 19.71 -7.22 -3.95
N ILE B 405 20.23 -8.43 -3.82
CA ILE B 405 19.52 -9.53 -3.19
C ILE B 405 20.38 -10.04 -2.04
N LEU B 406 20.10 -9.48 -0.88
CA LEU B 406 20.78 -9.79 0.35
C LEU B 406 21.63 -11.06 0.26
N PHE B 407 20.96 -12.20 0.11
CA PHE B 407 21.62 -13.48 0.02
C PHE B 407 21.17 -14.22 -1.22
N THR B 408 21.95 -15.21 -1.62
CA THR B 408 21.65 -16.02 -2.80
C THR B 408 21.75 -17.48 -2.40
N VAL B 409 20.65 -18.23 -2.47
CA VAL B 409 20.72 -19.64 -2.06
C VAL B 409 20.66 -20.72 -3.14
N LEU B 410 21.61 -21.64 -3.03
CA LEU B 410 21.76 -22.74 -3.99
C LEU B 410 21.33 -24.10 -3.48
N VAL B 411 20.75 -24.86 -4.41
CA VAL B 411 20.25 -26.20 -4.17
C VAL B 411 20.90 -27.11 -5.19
N THR B 412 21.67 -28.09 -4.72
CA THR B 412 22.33 -29.02 -5.64
C THR B 412 21.92 -30.43 -5.28
N GLU B 413 22.74 -31.39 -5.70
CA GLU B 413 22.44 -32.76 -5.38
C GLU B 413 22.90 -33.09 -3.97
N THR B 414 24.07 -32.59 -3.60
CA THR B 414 24.60 -32.80 -2.27
C THR B 414 23.61 -32.18 -1.28
N THR B 415 22.36 -32.05 -1.74
CA THR B 415 21.28 -31.50 -0.95
C THR B 415 20.30 -32.62 -0.70
N LEU B 416 19.37 -32.76 -1.63
CA LEU B 416 18.33 -33.78 -1.58
C LEU B 416 18.66 -34.93 -0.61
N GLU B 417 19.89 -35.42 -0.66
CA GLU B 417 20.32 -36.53 0.20
C GLU B 417 20.30 -36.17 1.67
N ASN B 418 21.20 -35.29 2.09
CA ASN B 418 21.27 -34.88 3.48
C ASN B 418 20.47 -33.61 3.76
N GLY B 419 20.12 -32.88 2.70
CA GLY B 419 19.33 -31.67 2.85
C GLY B 419 20.12 -30.38 2.86
N LEU B 420 21.43 -30.50 2.93
CA LEU B 420 22.30 -29.34 2.96
C LEU B 420 22.25 -28.49 1.69
N ILE B 421 22.09 -27.19 1.88
CA ILE B 421 22.07 -26.26 0.75
C ILE B 421 23.05 -25.14 1.09
N HIS B 422 23.67 -24.59 0.06
CA HIS B 422 24.65 -23.54 0.25
C HIS B 422 24.10 -22.21 -0.15
N LEU B 423 24.27 -21.22 0.72
CA LEU B 423 23.82 -19.87 0.43
C LEU B 423 25.03 -18.95 0.39
N ARG B 424 24.91 -17.85 -0.34
CA ARG B 424 25.98 -16.88 -0.45
C ARG B 424 25.53 -15.64 0.34
N SER B 425 26.29 -14.55 0.23
CA SER B 425 25.94 -13.31 0.90
C SER B 425 25.66 -12.32 -0.19
N ARG B 426 26.09 -11.09 0.07
CA ARG B 426 25.94 -10.01 -0.87
C ARG B 426 27.12 -9.18 -0.46
N ASP B 427 26.87 -8.25 0.46
CA ASP B 427 27.90 -7.39 0.97
C ASP B 427 29.12 -8.21 1.31
N THR B 428 28.97 -9.03 2.35
CA THR B 428 30.02 -9.88 2.87
C THR B 428 30.53 -10.98 1.94
N THR B 429 29.98 -11.04 0.73
CA THR B 429 30.39 -12.00 -0.29
C THR B 429 30.87 -13.35 0.26
N MET B 430 30.31 -13.74 1.40
CA MET B 430 30.68 -14.97 2.07
C MET B 430 29.81 -16.14 1.57
N LYS B 431 30.08 -17.36 2.06
CA LYS B 431 29.30 -18.55 1.68
C LYS B 431 29.26 -19.58 2.82
N GLU B 432 28.28 -20.47 2.81
CA GLU B 432 28.22 -21.45 3.87
C GLU B 432 27.22 -22.58 3.64
N MET B 433 27.40 -23.67 4.39
CA MET B 433 26.50 -24.82 4.31
C MET B 433 25.37 -24.44 5.27
N MET B 434 24.30 -25.22 5.29
CA MET B 434 23.18 -24.95 6.19
C MET B 434 22.00 -25.83 5.80
N HIS B 435 21.41 -26.48 6.80
CA HIS B 435 20.28 -27.35 6.55
C HIS B 435 19.20 -26.47 5.97
N ILE B 436 18.62 -26.93 4.87
CA ILE B 436 17.58 -26.18 4.17
C ILE B 436 16.47 -25.77 5.13
N SER B 437 16.26 -26.58 6.16
CA SER B 437 15.24 -26.31 7.16
C SER B 437 15.45 -25.01 7.93
N LYS B 438 16.65 -24.86 8.49
CA LYS B 438 17.03 -23.70 9.29
C LYS B 438 17.22 -22.41 8.48
N LEU B 439 16.71 -22.37 7.26
CA LEU B 439 16.89 -21.20 6.44
C LEU B 439 15.82 -20.14 6.58
N LYS B 440 14.56 -20.55 6.53
CA LYS B 440 13.47 -19.58 6.64
C LYS B 440 13.61 -18.81 7.92
N ASP B 441 14.11 -19.49 8.95
CA ASP B 441 14.31 -18.88 10.24
C ASP B 441 15.43 -17.82 10.11
N PHE B 442 16.58 -18.26 9.62
CA PHE B 442 17.74 -17.40 9.43
C PHE B 442 17.38 -16.02 8.90
N LEU B 443 16.99 -15.96 7.64
CA LEU B 443 16.61 -14.70 6.99
C LEU B 443 15.68 -13.90 7.86
N ILE B 444 14.57 -14.52 8.26
CA ILE B 444 13.58 -13.83 9.07
C ILE B 444 14.25 -13.01 10.18
N LYS B 445 15.31 -13.55 10.76
CA LYS B 445 16.00 -12.81 11.79
C LYS B 445 17.06 -11.85 11.27
N TYR B 446 17.77 -12.23 10.22
CA TYR B 446 18.79 -11.33 9.67
C TYR B 446 18.14 -9.97 9.46
N ILE B 447 16.99 -9.95 8.79
CA ILE B 447 16.26 -8.72 8.54
C ILE B 447 15.63 -8.21 9.82
N SER B 448 15.04 -9.14 10.58
CA SER B 448 14.41 -8.79 11.85
C SER B 448 15.35 -8.02 12.79
N SER B 449 16.52 -8.57 13.05
CA SER B 449 17.44 -7.88 13.94
C SER B 449 17.87 -6.57 13.27
N ALA B 450 18.23 -6.63 11.99
CA ALA B 450 18.65 -5.42 11.28
C ALA B 450 17.65 -4.29 11.52
N LYS B 451 16.36 -4.60 11.42
CA LYS B 451 15.32 -3.59 11.63
C LYS B 451 15.38 -3.04 13.06
N ASN B 452 16.17 -3.70 13.89
CA ASN B 452 16.38 -3.31 15.28
C ASN B 452 17.71 -2.59 15.42
N VAL B 453 17.79 -1.40 14.85
CA VAL B 453 19.02 -0.62 14.95
C VAL B 453 18.58 0.85 14.90
#